data_9HR0
#
_entry.id   9HR0
#
_cell.length_a   132.600
_cell.length_b   132.600
_cell.length_c   130.240
_cell.angle_alpha   90.00
_cell.angle_beta   90.00
_cell.angle_gamma   90.00
#
_symmetry.space_group_name_H-M   'P 43 21 2'
#
loop_
_entity.id
_entity.type
_entity.pdbx_description
1 polymer '(+)-T-muurolol synthase ((2E,6E)-farnesyl diphosphate cyclizing)'
2 non-polymer 'MAGNESIUM ION'
3 non-polymer 'PYROPHOSPHATE 2-'
4 non-polymer (2~{Z},6~{E})-3,7,11-trimethyldodeca-2,6-diene
5 non-polymer (R,R)-2,3-BUTANEDIOL
6 non-polymer 1,2-ETHANEDIOL
7 water water
#
_entity_poly.entity_id   1
_entity_poly.type   'polypeptide(L)'
_entity_poly.pdbx_seq_one_letter_code
;SDQDYRARLVYPFSGAISPHADIVDQATLAWAAMFGLLTDSLRHKSRRLQYGLLAARAYPRADREMLQIAADWIAWLFFM
DDQCDETGIGRDLQRMIALHERFLAILDGATPEAHDCALTYALADLRRRLALRAPDNWLRRFSEHVRLYFTANRWETVNR
QRGATPNVATYCAARLFSGAVYACFDLIELAEQIELPFYARHHSIVQQLEQAANNIICWCNDVLSYPKEMQHGDRHNLVL
VIQGEHQCSLPEAIDRALDLHAREVATFVRKRTCVPYFDAAVNTALEKYVTGLQFWICANRDWSLTATRYA
;
_entity_poly.pdbx_strand_id   A,B
#
loop_
_chem_comp.id
_chem_comp.type
_chem_comp.name
_chem_comp.formula
A1IW0 non-polymer (2~{Z},6~{E})-3,7,11-trimethyldodeca-2,6-diene 'C15 H28'
BU3 non-polymer (R,R)-2,3-BUTANEDIOL 'C4 H10 O2'
EDO non-polymer 1,2-ETHANEDIOL 'C2 H6 O2'
MG non-polymer 'MAGNESIUM ION' 'Mg 2'
POP non-polymer 'PYROPHOSPHATE 2-' 'H2 O7 P2 -2'
#
# COMPACT_ATOMS: atom_id res chain seq x y z
N ASP A 4 -17.46 -28.30 -20.33
CA ASP A 4 -16.48 -28.29 -19.20
C ASP A 4 -15.80 -26.91 -19.13
N TYR A 5 -16.51 -25.91 -18.60
CA TYR A 5 -16.02 -24.51 -18.49
C TYR A 5 -14.77 -24.44 -17.59
N ARG A 6 -14.57 -25.43 -16.71
CA ARG A 6 -13.39 -25.51 -15.80
C ARG A 6 -12.11 -25.66 -16.63
N ALA A 7 -12.17 -26.34 -17.78
CA ALA A 7 -11.02 -26.55 -18.69
C ALA A 7 -10.47 -25.22 -19.22
N ARG A 8 -11.26 -24.14 -19.18
CA ARG A 8 -10.89 -22.80 -19.70
C ARG A 8 -10.05 -22.00 -18.69
N LEU A 9 -9.82 -22.55 -17.49
CA LEU A 9 -8.94 -21.92 -16.48
C LEU A 9 -7.49 -22.37 -16.74
N VAL A 10 -6.84 -21.74 -17.72
CA VAL A 10 -5.51 -22.16 -18.26
C VAL A 10 -4.52 -20.99 -18.20
N TYR A 11 -3.25 -21.30 -18.03
CA TYR A 11 -2.13 -20.32 -17.93
C TYR A 11 -1.02 -20.75 -18.88
N PRO A 12 -0.26 -19.81 -19.47
CA PRO A 12 0.86 -20.16 -20.36
C PRO A 12 2.11 -20.54 -19.55
N PHE A 13 1.96 -20.79 -18.24
CA PHE A 13 3.06 -21.20 -17.34
C PHE A 13 2.54 -22.30 -16.42
N SER A 14 3.48 -22.99 -15.78
CA SER A 14 3.28 -24.21 -14.96
C SER A 14 3.73 -23.93 -13.53
N GLY A 15 3.20 -24.70 -12.56
CA GLY A 15 3.55 -24.57 -11.14
C GLY A 15 4.51 -25.65 -10.69
N ALA A 16 4.59 -25.87 -9.38
CA ALA A 16 5.42 -26.91 -8.74
C ALA A 16 4.89 -27.15 -7.33
N ILE A 17 5.27 -28.26 -6.71
CA ILE A 17 4.86 -28.63 -5.33
C ILE A 17 6.11 -28.96 -4.52
N SER A 18 6.14 -28.54 -3.26
CA SER A 18 7.21 -28.87 -2.28
C SER A 18 7.23 -30.38 -2.08
N PRO A 19 8.43 -31.00 -1.98
CA PRO A 19 8.53 -32.43 -1.67
C PRO A 19 8.00 -32.77 -0.28
N HIS A 20 7.84 -31.77 0.60
CA HIS A 20 7.40 -31.92 2.01
C HIS A 20 5.86 -31.93 2.13
N ALA A 21 5.13 -31.91 1.01
CA ALA A 21 3.67 -31.68 0.95
C ALA A 21 2.90 -32.49 2.01
N ASP A 22 3.07 -33.81 2.07
CA ASP A 22 2.21 -34.68 2.92
C ASP A 22 2.54 -34.50 4.40
N ILE A 23 3.83 -34.44 4.74
CA ILE A 23 4.34 -34.17 6.12
C ILE A 23 3.69 -32.87 6.63
N VAL A 24 3.69 -31.83 5.80
CA VAL A 24 3.17 -30.47 6.14
C VAL A 24 1.65 -30.54 6.32
N ASP A 25 0.95 -31.27 5.44
CA ASP A 25 -0.52 -31.43 5.54
C ASP A 25 -0.88 -32.12 6.86
N GLN A 26 -0.16 -33.20 7.21
CA GLN A 26 -0.42 -33.96 8.47
C GLN A 26 -0.22 -32.99 9.66
N ALA A 27 0.82 -32.15 9.61
CA ALA A 27 1.20 -31.21 10.69
C ALA A 27 0.15 -30.10 10.82
N THR A 28 -0.45 -29.66 9.71
CA THR A 28 -1.53 -28.64 9.69
C THR A 28 -2.78 -29.18 10.39
N LEU A 29 -3.13 -30.46 10.16
CA LEU A 29 -4.27 -31.12 10.86
C LEU A 29 -3.98 -31.21 12.36
N ALA A 30 -2.76 -31.62 12.74
CA ALA A 30 -2.33 -31.71 14.15
C ALA A 30 -2.37 -30.31 14.79
N TRP A 31 -1.97 -29.26 14.06
CA TRP A 31 -2.00 -27.86 14.53
C TRP A 31 -3.45 -27.41 14.75
N ALA A 32 -4.34 -27.70 13.80
CA ALA A 32 -5.79 -27.42 13.89
C ALA A 32 -6.36 -28.08 15.15
N ALA A 33 -6.00 -29.35 15.41
CA ALA A 33 -6.47 -30.12 16.59
C ALA A 33 -5.92 -29.47 17.87
N MET A 34 -4.62 -29.14 17.89
CA MET A 34 -3.92 -28.52 19.04
C MET A 34 -4.63 -27.22 19.47
N PHE A 35 -5.00 -26.35 18.52
CA PHE A 35 -5.58 -25.01 18.79
C PHE A 35 -7.12 -25.06 18.82
N GLY A 36 -7.71 -26.24 18.61
CA GLY A 36 -9.16 -26.49 18.75
C GLY A 36 -9.97 -25.84 17.64
N LEU A 37 -9.48 -25.89 16.39
CA LEU A 37 -10.13 -25.24 15.22
C LEU A 37 -11.01 -26.23 14.45
N LEU A 38 -10.97 -27.52 14.80
CA LEU A 38 -11.73 -28.59 14.10
C LEU A 38 -13.12 -28.74 14.73
N THR A 39 -14.18 -28.56 13.95
CA THR A 39 -15.59 -28.62 14.40
C THR A 39 -15.99 -30.10 14.54
N ASP A 40 -17.07 -30.37 15.27
CA ASP A 40 -17.54 -31.76 15.60
C ASP A 40 -18.01 -32.47 14.32
N SER A 41 -18.51 -31.70 13.35
CA SER A 41 -19.05 -32.19 12.05
C SER A 41 -17.93 -32.49 11.03
N LEU A 42 -16.66 -32.23 11.39
CA LEU A 42 -15.49 -32.40 10.49
C LEU A 42 -14.73 -33.69 10.82
N ARG A 43 -15.25 -34.56 11.70
CA ARG A 43 -14.50 -35.70 12.29
C ARG A 43 -13.70 -36.44 11.19
N HIS A 44 -14.38 -37.07 10.23
CA HIS A 44 -13.77 -37.87 9.14
C HIS A 44 -13.50 -36.98 7.92
N LYS A 45 -14.18 -35.84 7.81
CA LYS A 45 -14.03 -34.84 6.72
C LYS A 45 -12.68 -34.11 6.89
N SER A 46 -12.20 -33.96 8.13
CA SER A 46 -10.90 -33.32 8.50
C SER A 46 -9.77 -33.91 7.64
N ARG A 47 -9.77 -35.24 7.47
CA ARG A 47 -8.73 -36.01 6.73
C ARG A 47 -8.53 -35.43 5.32
N ARG A 48 -9.61 -34.95 4.68
CA ARG A 48 -9.64 -34.61 3.24
C ARG A 48 -9.66 -33.09 2.99
N LEU A 49 -9.39 -32.27 4.01
CA LEU A 49 -9.29 -30.79 3.87
C LEU A 49 -8.09 -30.44 2.96
N GLN A 50 -6.92 -31.00 3.27
CA GLN A 50 -5.69 -30.99 2.42
C GLN A 50 -5.19 -29.54 2.26
N TYR A 51 -5.33 -28.72 3.30
CA TYR A 51 -4.90 -27.30 3.28
C TYR A 51 -3.37 -27.22 3.11
N GLY A 52 -2.62 -28.16 3.66
CA GLY A 52 -1.16 -28.24 3.51
C GLY A 52 -0.73 -28.47 2.06
N LEU A 53 -1.56 -29.15 1.27
CA LEU A 53 -1.25 -29.44 -0.15
C LEU A 53 -1.45 -28.18 -1.00
N LEU A 54 -2.24 -27.20 -0.55
CA LEU A 54 -2.32 -25.87 -1.21
C LEU A 54 -1.03 -25.09 -0.92
N ALA A 55 -0.63 -25.04 0.35
CA ALA A 55 0.59 -24.32 0.80
C ALA A 55 1.81 -24.87 0.07
N ALA A 56 1.90 -26.19 -0.07
CA ALA A 56 3.04 -26.91 -0.71
C ALA A 56 3.17 -26.48 -2.17
N ARG A 57 2.06 -26.20 -2.85
CA ARG A 57 2.04 -25.73 -4.27
C ARG A 57 2.33 -24.22 -4.33
N ALA A 58 1.82 -23.44 -3.37
CA ALA A 58 1.94 -21.96 -3.34
C ALA A 58 3.39 -21.55 -3.06
N TYR A 59 4.09 -22.27 -2.19
CA TYR A 59 5.50 -21.97 -1.76
C TYR A 59 6.37 -23.21 -1.96
N PRO A 60 6.57 -23.66 -3.22
CA PRO A 60 7.20 -24.96 -3.47
C PRO A 60 8.70 -25.08 -3.15
N ARG A 61 9.42 -23.97 -3.03
CA ARG A 61 10.88 -23.95 -2.76
C ARG A 61 11.16 -23.64 -1.28
N ALA A 62 10.14 -23.47 -0.44
CA ALA A 62 10.27 -23.06 0.98
C ALA A 62 10.93 -24.17 1.80
N ASP A 63 11.77 -23.79 2.78
CA ASP A 63 12.25 -24.69 3.86
C ASP A 63 11.01 -25.19 4.63
N ARG A 64 11.08 -26.40 5.19
CA ARG A 64 9.89 -27.08 5.79
C ARG A 64 9.30 -26.22 6.91
N GLU A 65 10.13 -25.58 7.75
CA GLU A 65 9.68 -24.75 8.89
C GLU A 65 8.84 -23.59 8.37
N MET A 66 9.33 -22.86 7.36
CA MET A 66 8.62 -21.69 6.76
C MET A 66 7.34 -22.18 6.06
N LEU A 67 7.43 -23.28 5.30
CA LEU A 67 6.25 -23.87 4.61
C LEU A 67 5.17 -24.20 5.64
N GLN A 68 5.55 -24.69 6.82
CA GLN A 68 4.59 -25.09 7.87
C GLN A 68 3.84 -23.85 8.40
N ILE A 69 4.52 -22.72 8.58
CA ILE A 69 3.86 -21.43 8.98
C ILE A 69 2.84 -21.06 7.90
N ALA A 70 3.24 -21.10 6.63
CA ALA A 70 2.37 -20.79 5.47
C ALA A 70 1.15 -21.73 5.46
N ALA A 71 1.36 -23.03 5.66
CA ALA A 71 0.29 -24.05 5.66
C ALA A 71 -0.70 -23.80 6.81
N ASP A 72 -0.18 -23.55 8.02
CA ASP A 72 -1.01 -23.28 9.23
C ASP A 72 -1.81 -21.98 9.00
N TRP A 73 -1.20 -20.97 8.39
CA TRP A 73 -1.84 -19.66 8.07
C TRP A 73 -2.98 -19.88 7.07
N ILE A 74 -2.73 -20.64 6.01
CA ILE A 74 -3.75 -20.97 4.96
C ILE A 74 -4.92 -21.72 5.63
N ALA A 75 -4.63 -22.67 6.54
CA ALA A 75 -5.66 -23.41 7.30
C ALA A 75 -6.49 -22.40 8.10
N TRP A 76 -5.81 -21.51 8.83
CA TRP A 76 -6.47 -20.45 9.66
C TRP A 76 -7.46 -19.68 8.81
N LEU A 77 -7.04 -19.25 7.61
CA LEU A 77 -7.88 -18.43 6.70
C LEU A 77 -9.11 -19.24 6.28
N PHE A 78 -8.97 -20.54 5.98
CA PHE A 78 -10.11 -21.42 5.60
C PHE A 78 -11.09 -21.56 6.79
N PHE A 79 -10.56 -21.77 8.01
CA PHE A 79 -11.40 -21.92 9.22
C PHE A 79 -12.18 -20.62 9.47
N MET A 80 -11.50 -19.48 9.42
CA MET A 80 -12.12 -18.13 9.57
C MET A 80 -13.19 -17.98 8.48
N ASP A 81 -12.84 -18.30 7.23
CA ASP A 81 -13.69 -18.04 6.05
C ASP A 81 -15.02 -18.79 6.16
N ASP A 82 -14.99 -20.04 6.64
CA ASP A 82 -16.21 -20.87 6.72
C ASP A 82 -17.11 -20.33 7.83
N GLN A 83 -16.53 -19.69 8.86
CA GLN A 83 -17.33 -19.00 9.90
C GLN A 83 -18.04 -17.80 9.24
N CYS A 84 -17.30 -16.98 8.48
CA CYS A 84 -17.82 -15.78 7.78
C CYS A 84 -18.93 -16.17 6.79
N ASP A 85 -18.73 -17.25 6.04
CA ASP A 85 -19.50 -17.53 4.80
C ASP A 85 -20.58 -18.60 5.02
N GLU A 86 -20.55 -19.34 6.13
CA GLU A 86 -21.48 -20.50 6.34
C GLU A 86 -22.05 -20.53 7.77
N THR A 87 -21.85 -19.49 8.60
CA THR A 87 -22.48 -19.39 9.94
C THR A 87 -23.05 -17.99 10.15
N GLY A 88 -23.75 -17.79 11.27
CA GLY A 88 -24.48 -16.55 11.60
C GLY A 88 -23.56 -15.35 11.80
N ILE A 89 -22.29 -15.54 12.16
CA ILE A 89 -21.39 -14.40 12.48
C ILE A 89 -21.22 -13.52 11.22
N GLY A 90 -21.26 -14.12 10.03
CA GLY A 90 -21.16 -13.42 8.74
C GLY A 90 -22.40 -12.59 8.40
N ARG A 91 -23.46 -12.65 9.23
CA ARG A 91 -24.70 -11.85 9.09
CA ARG A 91 -24.69 -11.83 9.08
C ARG A 91 -24.87 -10.95 10.32
N ASP A 92 -23.84 -10.84 11.18
CA ASP A 92 -23.92 -10.07 12.46
C ASP A 92 -22.69 -9.16 12.61
N LEU A 93 -22.79 -7.92 12.14
CA LEU A 93 -21.66 -6.95 12.14
C LEU A 93 -21.13 -6.74 13.56
N GLN A 94 -22.00 -6.63 14.58
CA GLN A 94 -21.56 -6.33 15.97
C GLN A 94 -20.72 -7.50 16.52
N ARG A 95 -21.12 -8.75 16.25
CA ARG A 95 -20.35 -9.95 16.67
C ARG A 95 -19.00 -9.98 15.92
N MET A 96 -19.01 -9.66 14.62
CA MET A 96 -17.78 -9.61 13.78
C MET A 96 -16.81 -8.55 14.30
N ILE A 97 -17.31 -7.34 14.61
CA ILE A 97 -16.48 -6.23 15.17
C ILE A 97 -15.84 -6.70 16.49
N ALA A 98 -16.60 -7.33 17.38
CA ALA A 98 -16.11 -7.79 18.71
C ALA A 98 -14.95 -8.77 18.51
N LEU A 99 -15.09 -9.73 17.60
CA LEU A 99 -14.03 -10.73 17.27
C LEU A 99 -12.82 -10.01 16.68
N HIS A 100 -13.02 -9.13 15.69
CA HIS A 100 -11.93 -8.40 14.99
C HIS A 100 -11.15 -7.53 15.98
N GLU A 101 -11.82 -6.94 16.98
CA GLU A 101 -11.14 -6.16 18.04
C GLU A 101 -10.10 -7.07 18.72
N ARG A 102 -10.44 -8.33 18.98
CA ARG A 102 -9.53 -9.31 19.63
C ARG A 102 -8.38 -9.67 18.68
N PHE A 103 -8.68 -9.97 17.42
CA PHE A 103 -7.66 -10.28 16.38
C PHE A 103 -6.68 -9.09 16.25
N LEU A 104 -7.21 -7.86 16.22
CA LEU A 104 -6.38 -6.64 16.01
C LEU A 104 -5.45 -6.44 17.21
N ALA A 105 -5.94 -6.66 18.43
CA ALA A 105 -5.12 -6.59 19.66
C ALA A 105 -3.97 -7.59 19.55
N ILE A 106 -4.25 -8.82 19.08
CA ILE A 106 -3.23 -9.90 18.94
C ILE A 106 -2.23 -9.50 17.84
N LEU A 107 -2.67 -8.87 16.75
CA LEU A 107 -1.75 -8.45 15.65
C LEU A 107 -0.79 -7.37 16.15
N ASP A 108 -1.20 -6.55 17.13
CA ASP A 108 -0.35 -5.51 17.78
C ASP A 108 0.59 -6.13 18.82
N GLY A 109 0.48 -7.43 19.09
CA GLY A 109 1.41 -8.16 19.98
C GLY A 109 0.80 -8.48 21.35
N ALA A 110 -0.46 -8.14 21.59
CA ALA A 110 -1.17 -8.47 22.86
C ALA A 110 -1.27 -9.99 22.99
N THR A 111 -1.16 -10.48 24.22
CA THR A 111 -1.26 -11.91 24.58
C THR A 111 -2.76 -12.24 24.75
N PRO A 112 -3.25 -13.39 24.23
CA PRO A 112 -4.66 -13.73 24.37
C PRO A 112 -5.07 -13.91 25.84
N GLU A 113 -6.32 -13.61 26.16
CA GLU A 113 -6.92 -13.73 27.52
C GLU A 113 -7.56 -15.11 27.66
N ALA A 114 -7.89 -15.51 28.89
CA ALA A 114 -8.46 -16.83 29.24
C ALA A 114 -9.67 -17.15 28.34
N HIS A 115 -10.54 -16.16 28.10
CA HIS A 115 -11.86 -16.35 27.44
C HIS A 115 -11.81 -15.98 25.96
N ASP A 116 -10.62 -15.72 25.40
CA ASP A 116 -10.44 -15.57 23.93
C ASP A 116 -10.70 -16.91 23.24
N CYS A 117 -11.21 -16.87 22.02
CA CYS A 117 -11.62 -18.05 21.22
C CYS A 117 -10.39 -18.69 20.55
N ALA A 118 -10.60 -19.90 20.01
CA ALA A 118 -9.56 -20.75 19.37
C ALA A 118 -8.85 -19.99 18.24
N LEU A 119 -9.62 -19.30 17.38
CA LEU A 119 -9.06 -18.56 16.22
C LEU A 119 -8.10 -17.45 16.72
N THR A 120 -8.42 -16.77 17.82
CA THR A 120 -7.58 -15.70 18.41
C THR A 120 -6.25 -16.29 18.88
N TYR A 121 -6.31 -17.40 19.64
CA TYR A 121 -5.10 -18.11 20.13
C TYR A 121 -4.25 -18.58 18.95
N ALA A 122 -4.89 -19.13 17.91
CA ALA A 122 -4.21 -19.68 16.71
C ALA A 122 -3.52 -18.53 15.96
N LEU A 123 -4.20 -17.39 15.82
CA LEU A 123 -3.61 -16.19 15.15
C LEU A 123 -2.38 -15.72 15.94
N ALA A 124 -2.47 -15.71 17.27
CA ALA A 124 -1.35 -15.31 18.17
C ALA A 124 -0.15 -16.26 17.97
N ASP A 125 -0.40 -17.55 17.73
CA ASP A 125 0.67 -18.56 17.49
C ASP A 125 1.40 -18.22 16.18
N LEU A 126 0.64 -17.93 15.13
CA LEU A 126 1.19 -17.59 13.80
C LEU A 126 2.01 -16.29 13.88
N ARG A 127 1.52 -15.27 14.60
CA ARG A 127 2.26 -14.00 14.77
C ARG A 127 3.59 -14.28 15.47
N ARG A 128 3.56 -15.07 16.56
CA ARG A 128 4.75 -15.44 17.37
C ARG A 128 5.80 -16.10 16.45
N ARG A 129 5.37 -17.06 15.62
CA ARG A 129 6.25 -17.86 14.75
C ARG A 129 6.81 -16.99 13.62
N LEU A 130 5.99 -16.12 13.03
CA LEU A 130 6.44 -15.17 11.97
C LEU A 130 7.43 -14.16 12.56
N ALA A 131 7.24 -13.73 13.82
CA ALA A 131 8.12 -12.75 14.50
C ALA A 131 9.54 -13.32 14.66
N LEU A 132 9.67 -14.65 14.76
CA LEU A 132 10.99 -15.35 14.84
C LEU A 132 11.68 -15.36 13.47
N ARG A 133 10.94 -15.23 12.37
CA ARG A 133 11.45 -15.44 10.97
C ARG A 133 11.54 -14.12 10.20
N ALA A 134 10.80 -13.08 10.58
CA ALA A 134 10.65 -11.84 9.78
C ALA A 134 10.98 -10.60 10.61
N PRO A 135 11.54 -9.54 9.98
CA PRO A 135 11.76 -8.28 10.68
C PRO A 135 10.46 -7.49 10.87
N ASP A 136 10.54 -6.42 11.67
CA ASP A 136 9.40 -5.55 12.08
C ASP A 136 8.73 -4.99 10.83
N ASN A 137 9.51 -4.46 9.88
CA ASN A 137 9.03 -3.89 8.60
C ASN A 137 8.03 -4.87 7.96
N TRP A 138 8.43 -6.14 7.82
CA TRP A 138 7.63 -7.20 7.17
C TRP A 138 6.34 -7.43 7.97
N LEU A 139 6.47 -7.60 9.29
CA LEU A 139 5.36 -7.92 10.22
C LEU A 139 4.29 -6.81 10.14
N ARG A 140 4.69 -5.54 10.04
CA ARG A 140 3.75 -4.40 9.92
C ARG A 140 3.00 -4.51 8.58
N ARG A 141 3.70 -4.81 7.48
CA ARG A 141 3.09 -4.91 6.12
C ARG A 141 2.10 -6.09 6.10
N PHE A 142 2.50 -7.26 6.60
CA PHE A 142 1.64 -8.47 6.71
C PHE A 142 0.40 -8.13 7.54
N SER A 143 0.59 -7.55 8.72
CA SER A 143 -0.49 -7.20 9.69
C SER A 143 -1.53 -6.28 9.04
N GLU A 144 -1.09 -5.30 8.25
CA GLU A 144 -2.00 -4.33 7.59
C GLU A 144 -2.82 -5.04 6.50
N HIS A 145 -2.21 -5.95 5.73
CA HIS A 145 -2.94 -6.78 4.74
C HIS A 145 -3.99 -7.65 5.45
N VAL A 146 -3.68 -8.15 6.65
CA VAL A 146 -4.63 -8.98 7.43
C VAL A 146 -5.77 -8.08 7.95
N ARG A 147 -5.46 -6.88 8.45
CA ARG A 147 -6.47 -5.89 8.90
C ARG A 147 -7.44 -5.58 7.75
N LEU A 148 -6.93 -5.41 6.53
CA LEU A 148 -7.75 -5.07 5.35
C LEU A 148 -8.64 -6.26 4.97
N TYR A 149 -8.19 -7.48 5.23
CA TYR A 149 -8.98 -8.73 5.05
C TYR A 149 -10.17 -8.72 6.03
N PHE A 150 -9.94 -8.37 7.29
CA PHE A 150 -11.01 -8.26 8.32
C PHE A 150 -12.01 -7.15 7.90
N THR A 151 -11.51 -6.01 7.43
CA THR A 151 -12.36 -4.88 6.95
C THR A 151 -13.25 -5.38 5.81
N ALA A 152 -12.68 -6.15 4.87
CA ALA A 152 -13.42 -6.73 3.72
C ALA A 152 -14.48 -7.72 4.22
N ASN A 153 -14.19 -8.51 5.26
CA ASN A 153 -15.15 -9.47 5.85
C ASN A 153 -16.34 -8.70 6.46
N ARG A 154 -16.07 -7.56 7.12
CA ARG A 154 -17.13 -6.69 7.70
C ARG A 154 -17.95 -6.06 6.56
N TRP A 155 -17.31 -5.71 5.44
CA TRP A 155 -17.99 -5.21 4.22
C TRP A 155 -18.93 -6.30 3.67
N GLU A 156 -18.46 -7.54 3.57
CA GLU A 156 -19.31 -8.70 3.16
C GLU A 156 -20.53 -8.82 4.09
N THR A 157 -20.33 -8.72 5.40
CA THR A 157 -21.38 -8.91 6.44
C THR A 157 -22.48 -7.87 6.23
N VAL A 158 -22.11 -6.61 6.00
CA VAL A 158 -23.09 -5.50 5.78
C VAL A 158 -23.88 -5.80 4.50
N ASN A 159 -23.22 -6.30 3.45
CA ASN A 159 -23.89 -6.68 2.17
C ASN A 159 -24.97 -7.73 2.46
N ARG A 160 -24.66 -8.73 3.28
CA ARG A 160 -25.59 -9.84 3.64
C ARG A 160 -26.76 -9.28 4.47
N GLN A 161 -26.46 -8.43 5.45
CA GLN A 161 -27.46 -7.82 6.35
C GLN A 161 -28.41 -6.91 5.55
N ARG A 162 -27.90 -6.25 4.50
CA ARG A 162 -28.68 -5.28 3.68
C ARG A 162 -29.37 -6.01 2.51
N GLY A 163 -28.94 -7.23 2.18
CA GLY A 163 -29.39 -7.98 1.00
C GLY A 163 -29.01 -7.26 -0.30
N ALA A 164 -27.80 -6.70 -0.34
CA ALA A 164 -27.31 -5.81 -1.43
C ALA A 164 -26.10 -6.43 -2.13
N THR A 165 -26.29 -6.89 -3.37
CA THR A 165 -25.20 -7.40 -4.23
C THR A 165 -24.42 -6.20 -4.78
N PRO A 166 -23.09 -6.12 -4.55
CA PRO A 166 -22.30 -4.99 -5.05
C PRO A 166 -22.24 -4.99 -6.59
N ASN A 167 -21.97 -3.83 -7.18
CA ASN A 167 -21.73 -3.70 -8.65
C ASN A 167 -20.35 -4.31 -8.95
N VAL A 168 -20.04 -4.53 -10.22
CA VAL A 168 -18.78 -5.19 -10.66
C VAL A 168 -17.58 -4.40 -10.12
N ALA A 169 -17.57 -3.07 -10.29
CA ALA A 169 -16.43 -2.21 -9.92
C ALA A 169 -16.16 -2.31 -8.40
N THR A 170 -17.20 -2.20 -7.58
CA THR A 170 -17.11 -2.29 -6.10
C THR A 170 -16.66 -3.71 -5.72
N TYR A 171 -17.31 -4.74 -6.26
CA TYR A 171 -16.97 -6.15 -5.94
C TYR A 171 -15.49 -6.41 -6.21
N CYS A 172 -15.02 -6.10 -7.42
CA CYS A 172 -13.63 -6.43 -7.88
C CYS A 172 -12.61 -5.69 -6.99
N ALA A 173 -12.91 -4.45 -6.60
CA ALA A 173 -12.04 -3.62 -5.74
C ALA A 173 -11.94 -4.22 -4.33
N ALA A 174 -13.06 -4.70 -3.77
CA ALA A 174 -13.13 -5.28 -2.41
C ALA A 174 -12.58 -6.71 -2.40
N ARG A 175 -12.79 -7.45 -3.50
CA ARG A 175 -12.43 -8.89 -3.60
C ARG A 175 -10.92 -9.05 -3.43
N LEU A 176 -10.14 -8.06 -3.85
CA LEU A 176 -8.66 -8.04 -3.71
C LEU A 176 -8.25 -8.15 -2.23
N PHE A 177 -9.15 -7.83 -1.31
CA PHE A 177 -8.87 -7.86 0.16
C PHE A 177 -9.61 -9.01 0.85
N SER A 178 -10.77 -9.43 0.36
CA SER A 178 -11.65 -10.43 1.05
C SER A 178 -11.03 -11.83 0.98
N GLY A 179 -10.12 -12.05 0.03
CA GLY A 179 -9.40 -13.32 -0.13
C GLY A 179 -8.10 -13.36 0.65
N ALA A 180 -7.63 -12.26 1.24
CA ALA A 180 -6.37 -12.19 2.02
C ALA A 180 -5.16 -12.56 1.15
N VAL A 181 -5.30 -12.50 -0.17
CA VAL A 181 -4.22 -12.93 -1.12
C VAL A 181 -2.97 -12.06 -0.91
N TYR A 182 -3.11 -10.77 -0.61
CA TYR A 182 -1.94 -9.87 -0.43
C TYR A 182 -1.11 -10.34 0.76
N ALA A 183 -1.74 -10.82 1.85
CA ALA A 183 -1.06 -11.35 3.04
C ALA A 183 -0.29 -12.64 2.68
N CYS A 184 -0.86 -13.46 1.80
CA CYS A 184 -0.23 -14.69 1.28
C CYS A 184 0.97 -14.33 0.37
N PHE A 185 0.87 -13.26 -0.43
CA PHE A 185 2.00 -12.76 -1.26
C PHE A 185 3.16 -12.30 -0.35
N ASP A 186 2.86 -11.67 0.79
CA ASP A 186 3.90 -11.21 1.76
C ASP A 186 4.78 -12.42 2.16
N LEU A 187 4.19 -13.61 2.32
CA LEU A 187 4.95 -14.83 2.73
C LEU A 187 5.97 -15.25 1.66
N ILE A 188 5.79 -14.87 0.40
CA ILE A 188 6.73 -15.24 -0.71
C ILE A 188 8.14 -14.76 -0.35
N GLU A 189 8.26 -13.53 0.18
CA GLU A 189 9.55 -12.92 0.60
C GLU A 189 10.27 -13.86 1.57
N LEU A 190 9.54 -14.40 2.55
CA LEU A 190 10.09 -15.30 3.61
C LEU A 190 10.43 -16.67 3.02
N ALA A 191 9.55 -17.22 2.17
CA ALA A 191 9.76 -18.51 1.47
C ALA A 191 11.03 -18.45 0.60
N GLU A 192 11.19 -17.38 -0.19
CA GLU A 192 12.31 -17.21 -1.15
C GLU A 192 13.52 -16.57 -0.46
N GLN A 193 13.37 -16.12 0.80
CA GLN A 193 14.43 -15.43 1.58
C GLN A 193 15.00 -14.30 0.73
N ILE A 194 14.15 -13.35 0.36
CA ILE A 194 14.53 -12.15 -0.44
C ILE A 194 14.17 -10.90 0.37
N GLU A 195 15.00 -9.87 0.26
CA GLU A 195 14.82 -8.53 0.86
C GLU A 195 14.87 -7.50 -0.28
N LEU A 196 13.70 -7.07 -0.76
CA LEU A 196 13.56 -6.04 -1.81
C LEU A 196 13.68 -4.67 -1.15
N PRO A 197 14.41 -3.71 -1.74
CA PRO A 197 14.41 -2.35 -1.23
C PRO A 197 13.05 -1.67 -1.45
N PHE A 198 12.72 -0.71 -0.59
CA PHE A 198 11.42 0.02 -0.56
C PHE A 198 11.01 0.45 -1.99
N TYR A 199 11.95 1.00 -2.77
CA TYR A 199 11.64 1.60 -4.10
C TYR A 199 11.19 0.51 -5.09
N ALA A 200 11.69 -0.73 -4.94
CA ALA A 200 11.34 -1.88 -5.81
C ALA A 200 10.07 -2.57 -5.28
N ARG A 201 9.98 -2.79 -3.96
CA ARG A 201 8.82 -3.47 -3.30
C ARG A 201 7.51 -2.78 -3.72
N HIS A 202 7.49 -1.44 -3.75
CA HIS A 202 6.28 -0.60 -3.96
C HIS A 202 6.23 -0.03 -5.38
N HIS A 203 7.10 -0.45 -6.29
CA HIS A 203 7.10 0.05 -7.70
C HIS A 203 5.73 -0.22 -8.33
N SER A 204 5.24 0.71 -9.14
CA SER A 204 3.90 0.66 -9.78
C SER A 204 3.70 -0.67 -10.53
N ILE A 205 4.71 -1.13 -11.27
CA ILE A 205 4.63 -2.37 -12.12
C ILE A 205 4.50 -3.59 -11.19
N VAL A 206 5.21 -3.60 -10.07
CA VAL A 206 5.12 -4.69 -9.05
C VAL A 206 3.70 -4.69 -8.45
N GLN A 207 3.17 -3.52 -8.10
CA GLN A 207 1.79 -3.37 -7.56
C GLN A 207 0.80 -3.90 -8.60
N GLN A 208 1.02 -3.60 -9.87
CA GLN A 208 0.10 -4.00 -10.98
C GLN A 208 0.20 -5.51 -11.21
N LEU A 209 1.39 -6.09 -11.07
CA LEU A 209 1.60 -7.56 -11.19
C LEU A 209 0.88 -8.26 -10.03
N GLU A 210 1.02 -7.75 -8.81
CA GLU A 210 0.34 -8.27 -7.59
C GLU A 210 -1.19 -8.18 -7.80
N GLN A 211 -1.68 -7.05 -8.30
CA GLN A 211 -3.13 -6.81 -8.54
C GLN A 211 -3.65 -7.85 -9.55
N ALA A 212 -2.94 -8.02 -10.68
CA ALA A 212 -3.31 -8.97 -11.75
C ALA A 212 -3.35 -10.39 -11.17
N ALA A 213 -2.32 -10.82 -10.44
CA ALA A 213 -2.22 -12.18 -9.86
C ALA A 213 -3.37 -12.40 -8.86
N ASN A 214 -3.66 -11.40 -8.02
CA ASN A 214 -4.76 -11.43 -7.02
C ASN A 214 -6.10 -11.60 -7.75
N ASN A 215 -6.38 -10.76 -8.76
CA ASN A 215 -7.61 -10.85 -9.58
C ASN A 215 -7.74 -12.27 -10.17
N ILE A 216 -6.68 -12.77 -10.82
CA ILE A 216 -6.68 -14.10 -11.49
C ILE A 216 -7.11 -15.17 -10.47
N ILE A 217 -6.45 -15.18 -9.31
CA ILE A 217 -6.67 -16.16 -8.21
C ILE A 217 -8.12 -16.07 -7.72
N CYS A 218 -8.61 -14.86 -7.44
CA CYS A 218 -9.98 -14.63 -6.90
C CYS A 218 -11.03 -14.99 -7.94
N TRP A 219 -10.83 -14.64 -9.22
CA TRP A 219 -11.85 -14.88 -10.27
C TRP A 219 -11.86 -16.37 -10.62
N CYS A 220 -10.70 -17.02 -10.61
CA CYS A 220 -10.59 -18.51 -10.73
C CYS A 220 -11.41 -19.15 -9.61
N ASN A 221 -11.19 -18.71 -8.37
CA ASN A 221 -11.95 -19.21 -7.19
C ASN A 221 -13.45 -19.00 -7.37
N ASP A 222 -13.85 -17.80 -7.83
CA ASP A 222 -15.28 -17.43 -8.01
C ASP A 222 -15.94 -18.44 -8.98
N VAL A 223 -15.29 -18.76 -10.10
CA VAL A 223 -15.84 -19.71 -11.11
C VAL A 223 -16.00 -21.11 -10.46
N LEU A 224 -15.09 -21.49 -9.57
CA LEU A 224 -15.04 -22.85 -8.97
C LEU A 224 -15.93 -22.92 -7.71
N SER A 225 -16.28 -21.79 -7.11
CA SER A 225 -16.97 -21.75 -5.78
C SER A 225 -18.40 -21.17 -5.88
N TYR A 226 -18.89 -20.78 -7.06
CA TYR A 226 -20.25 -20.17 -7.16
C TYR A 226 -21.32 -21.20 -6.73
N PRO A 227 -21.19 -22.52 -7.01
CA PRO A 227 -22.22 -23.47 -6.60
C PRO A 227 -22.45 -23.49 -5.08
N LYS A 228 -21.40 -23.64 -4.27
CA LYS A 228 -21.52 -23.74 -2.80
C LYS A 228 -21.94 -22.37 -2.23
N GLU A 229 -21.51 -21.28 -2.85
CA GLU A 229 -21.87 -19.91 -2.37
C GLU A 229 -23.35 -19.66 -2.65
N MET A 230 -23.86 -20.07 -3.82
CA MET A 230 -25.31 -20.03 -4.13
C MET A 230 -26.09 -20.88 -3.12
N GLN A 231 -25.57 -22.05 -2.74
CA GLN A 231 -26.25 -22.96 -1.77
C GLN A 231 -26.45 -22.24 -0.43
N HIS A 232 -25.58 -21.29 -0.08
CA HIS A 232 -25.62 -20.54 1.20
C HIS A 232 -26.26 -19.16 1.03
N GLY A 233 -26.85 -18.87 -0.12
CA GLY A 233 -27.49 -17.57 -0.42
C GLY A 233 -26.50 -16.41 -0.32
N ASP A 234 -25.24 -16.64 -0.69
CA ASP A 234 -24.16 -15.62 -0.63
C ASP A 234 -24.16 -14.85 -1.96
N ARG A 235 -23.41 -13.75 -2.04
CA ARG A 235 -23.45 -12.81 -3.18
C ARG A 235 -22.05 -12.27 -3.48
N HIS A 236 -21.00 -12.91 -2.96
CA HIS A 236 -19.59 -12.43 -3.07
C HIS A 236 -18.85 -13.32 -4.06
N ASN A 237 -19.14 -13.11 -5.34
CA ASN A 237 -18.72 -14.00 -6.45
C ASN A 237 -18.90 -13.26 -7.76
N LEU A 238 -17.83 -13.15 -8.57
CA LEU A 238 -17.83 -12.40 -9.85
C LEU A 238 -18.98 -12.88 -10.75
N VAL A 239 -19.26 -14.19 -10.77
CA VAL A 239 -20.33 -14.80 -11.60
C VAL A 239 -21.68 -14.19 -11.20
N LEU A 240 -21.99 -14.17 -9.89
CA LEU A 240 -23.29 -13.69 -9.37
C LEU A 240 -23.36 -12.17 -9.53
N VAL A 241 -22.25 -11.47 -9.31
CA VAL A 241 -22.16 -9.98 -9.43
C VAL A 241 -22.40 -9.59 -10.89
N ILE A 242 -21.74 -10.26 -11.84
CA ILE A 242 -21.94 -10.05 -13.31
C ILE A 242 -23.40 -10.31 -13.67
N GLN A 243 -23.98 -11.41 -13.17
CA GLN A 243 -25.38 -11.81 -13.45
C GLN A 243 -26.34 -10.67 -13.06
N GLY A 244 -26.15 -10.09 -11.87
CA GLY A 244 -26.94 -8.94 -11.38
C GLY A 244 -26.76 -7.70 -12.24
N GLU A 245 -25.51 -7.34 -12.58
CA GLU A 245 -25.19 -6.09 -13.32
C GLU A 245 -25.73 -6.18 -14.74
N HIS A 246 -25.60 -7.33 -15.41
CA HIS A 246 -25.93 -7.51 -16.84
C HIS A 246 -27.34 -8.09 -17.03
N GLN A 247 -27.98 -8.57 -15.95
CA GLN A 247 -29.31 -9.22 -16.03
C GLN A 247 -29.26 -10.34 -17.08
N CYS A 248 -28.21 -11.16 -17.06
CA CYS A 248 -27.97 -12.26 -18.03
C CYS A 248 -28.18 -13.61 -17.35
N SER A 249 -28.10 -14.70 -18.12
CA SER A 249 -28.21 -16.10 -17.63
C SER A 249 -26.95 -16.46 -16.86
N LEU A 250 -27.01 -17.55 -16.08
CA LEU A 250 -25.85 -18.08 -15.32
C LEU A 250 -24.76 -18.53 -16.29
N PRO A 251 -25.05 -19.32 -17.35
CA PRO A 251 -24.03 -19.64 -18.36
C PRO A 251 -23.34 -18.41 -18.95
N GLU A 252 -24.11 -17.35 -19.29
CA GLU A 252 -23.57 -16.09 -19.85
C GLU A 252 -22.65 -15.41 -18.82
N ALA A 253 -23.02 -15.42 -17.53
CA ALA A 253 -22.22 -14.80 -16.44
C ALA A 253 -20.90 -15.57 -16.26
N ILE A 254 -20.95 -16.90 -16.30
CA ILE A 254 -19.75 -17.78 -16.21
C ILE A 254 -18.83 -17.47 -17.41
N ASP A 255 -19.39 -17.38 -18.62
CA ASP A 255 -18.65 -17.09 -19.87
C ASP A 255 -17.93 -15.74 -19.71
N ARG A 256 -18.64 -14.72 -19.21
CA ARG A 256 -18.11 -13.34 -19.01
C ARG A 256 -16.98 -13.36 -17.96
N ALA A 257 -17.15 -14.12 -16.87
CA ALA A 257 -16.15 -14.23 -15.80
C ALA A 257 -14.88 -14.89 -16.34
N LEU A 258 -15.02 -15.92 -17.18
CA LEU A 258 -13.86 -16.67 -17.76
C LEU A 258 -13.13 -15.78 -18.78
N ASP A 259 -13.85 -14.93 -19.51
CA ASP A 259 -13.27 -13.91 -20.42
C ASP A 259 -12.42 -12.91 -19.60
N LEU A 260 -12.94 -12.42 -18.47
CA LEU A 260 -12.19 -11.46 -17.60
C LEU A 260 -10.95 -12.13 -17.03
N HIS A 261 -11.06 -13.38 -16.59
CA HIS A 261 -9.93 -14.23 -16.11
C HIS A 261 -8.85 -14.34 -17.21
N ALA A 262 -9.23 -14.73 -18.43
CA ALA A 262 -8.29 -14.91 -19.57
C ALA A 262 -7.59 -13.58 -19.88
N ARG A 263 -8.35 -12.48 -19.89
CA ARG A 263 -7.82 -11.11 -20.16
C ARG A 263 -6.79 -10.74 -19.09
N GLU A 264 -7.07 -11.09 -17.82
CA GLU A 264 -6.22 -10.72 -16.66
C GLU A 264 -4.90 -11.51 -16.72
N VAL A 265 -4.96 -12.76 -17.18
CA VAL A 265 -3.75 -13.61 -17.41
C VAL A 265 -2.84 -12.93 -18.44
N ALA A 266 -3.40 -12.45 -19.55
CA ALA A 266 -2.64 -11.78 -20.64
C ALA A 266 -2.03 -10.48 -20.11
N THR A 267 -2.76 -9.74 -19.27
CA THR A 267 -2.26 -8.49 -18.61
C THR A 267 -1.05 -8.85 -17.74
N PHE A 268 -1.13 -9.91 -16.93
CA PHE A 268 -0.01 -10.34 -16.04
C PHE A 268 1.22 -10.69 -16.90
N VAL A 269 1.04 -11.47 -17.97
CA VAL A 269 2.15 -11.90 -18.88
C VAL A 269 2.77 -10.65 -19.53
N ARG A 270 1.94 -9.69 -19.97
CA ARG A 270 2.37 -8.44 -20.64
CA ARG A 270 2.41 -8.45 -20.64
C ARG A 270 3.24 -7.62 -19.66
N LYS A 271 2.73 -7.38 -18.45
CA LYS A 271 3.37 -6.48 -17.45
C LYS A 271 4.65 -7.10 -16.88
N ARG A 272 4.85 -8.41 -16.97
CA ARG A 272 6.12 -9.08 -16.54
C ARG A 272 7.29 -8.51 -17.32
N THR A 273 7.11 -8.21 -18.61
CA THR A 273 8.18 -7.71 -19.52
C THR A 273 8.33 -6.19 -19.36
N CYS A 274 7.63 -5.56 -18.42
CA CYS A 274 7.65 -4.09 -18.21
C CYS A 274 8.34 -3.72 -16.89
N VAL A 275 8.95 -4.69 -16.20
CA VAL A 275 9.72 -4.45 -14.94
C VAL A 275 10.98 -3.68 -15.30
N PRO A 276 11.22 -2.46 -14.75
CA PRO A 276 12.42 -1.71 -15.05
C PRO A 276 13.67 -2.40 -14.50
N TYR A 277 14.84 -2.08 -15.08
CA TYR A 277 16.16 -2.51 -14.57
C TYR A 277 16.62 -1.53 -13.49
N PHE A 278 16.73 -2.01 -12.25
CA PHE A 278 17.23 -1.24 -11.09
C PHE A 278 18.74 -1.49 -10.97
N ASP A 279 19.13 -2.68 -10.52
CA ASP A 279 20.52 -3.22 -10.60
C ASP A 279 20.41 -4.75 -10.60
N ALA A 280 21.53 -5.45 -10.83
CA ALA A 280 21.58 -6.91 -11.02
C ALA A 280 20.93 -7.62 -9.83
N ALA A 281 21.29 -7.22 -8.60
CA ALA A 281 20.90 -7.87 -7.33
C ALA A 281 19.39 -7.70 -7.10
N VAL A 282 18.89 -6.47 -7.26
CA VAL A 282 17.45 -6.14 -7.02
C VAL A 282 16.60 -6.91 -8.03
N ASN A 283 17.00 -6.97 -9.30
CA ASN A 283 16.18 -7.57 -10.39
C ASN A 283 16.17 -9.10 -10.25
N THR A 284 17.25 -9.71 -9.74
CA THR A 284 17.31 -11.16 -9.41
C THR A 284 16.26 -11.48 -8.34
N ALA A 285 16.25 -10.71 -7.24
CA ALA A 285 15.31 -10.82 -6.11
C ALA A 285 13.88 -10.59 -6.61
N LEU A 286 13.69 -9.58 -7.45
CA LEU A 286 12.36 -9.17 -8.00
C LEU A 286 11.80 -10.31 -8.87
N GLU A 287 12.66 -10.95 -9.68
CA GLU A 287 12.22 -12.05 -10.58
C GLU A 287 11.81 -13.27 -9.74
N LYS A 288 12.45 -13.51 -8.59
CA LYS A 288 12.05 -14.59 -7.65
C LYS A 288 10.66 -14.28 -7.08
N TYR A 289 10.39 -13.02 -6.73
CA TYR A 289 9.09 -12.59 -6.18
C TYR A 289 7.99 -12.81 -7.23
N VAL A 290 8.22 -12.38 -8.47
CA VAL A 290 7.21 -12.45 -9.57
C VAL A 290 6.99 -13.92 -9.95
N THR A 291 8.05 -14.73 -9.99
CA THR A 291 7.95 -16.21 -10.14
C THR A 291 7.05 -16.75 -9.01
N GLY A 292 7.25 -16.28 -7.78
CA GLY A 292 6.40 -16.58 -6.61
C GLY A 292 4.93 -16.33 -6.92
N LEU A 293 4.60 -15.18 -7.52
CA LEU A 293 3.20 -14.84 -7.91
C LEU A 293 2.67 -15.90 -8.88
N GLN A 294 3.51 -16.33 -9.84
CA GLN A 294 3.11 -17.36 -10.84
C GLN A 294 2.84 -18.69 -10.14
N PHE A 295 3.69 -19.09 -9.19
CA PHE A 295 3.49 -20.34 -8.40
C PHE A 295 2.12 -20.27 -7.70
N TRP A 296 1.75 -19.11 -7.14
CA TRP A 296 0.46 -18.90 -6.42
C TRP A 296 -0.73 -19.02 -7.39
N ILE A 297 -0.65 -18.40 -8.57
CA ILE A 297 -1.70 -18.48 -9.62
C ILE A 297 -1.95 -19.96 -9.92
N CYS A 298 -0.88 -20.73 -10.17
CA CYS A 298 -0.96 -22.17 -10.50
C CYS A 298 -1.46 -22.98 -9.29
N ALA A 299 -0.94 -22.71 -8.09
CA ALA A 299 -1.31 -23.43 -6.85
C ALA A 299 -2.83 -23.35 -6.64
N ASN A 300 -3.40 -22.14 -6.76
CA ASN A 300 -4.84 -21.88 -6.53
C ASN A 300 -5.69 -22.75 -7.47
N ARG A 301 -5.40 -22.73 -8.78
CA ARG A 301 -6.19 -23.50 -9.77
C ARG A 301 -5.94 -25.00 -9.59
N ASP A 302 -4.67 -25.41 -9.52
CA ASP A 302 -4.26 -26.85 -9.45
C ASP A 302 -4.90 -27.52 -8.23
N TRP A 303 -4.83 -26.89 -7.06
CA TRP A 303 -5.42 -27.43 -5.80
C TRP A 303 -6.95 -27.43 -5.87
N SER A 304 -7.55 -26.34 -6.36
CA SER A 304 -9.02 -26.11 -6.34
C SER A 304 -9.74 -27.09 -7.26
N LEU A 305 -9.12 -27.49 -8.38
CA LEU A 305 -9.74 -28.39 -9.40
C LEU A 305 -9.98 -29.78 -8.80
N THR A 306 -9.18 -30.19 -7.81
CA THR A 306 -9.18 -31.57 -7.22
C THR A 306 -9.67 -31.55 -5.77
N ALA A 307 -9.84 -30.38 -5.14
CA ALA A 307 -10.17 -30.25 -3.70
C ALA A 307 -11.64 -30.61 -3.47
N THR A 308 -11.93 -31.28 -2.35
CA THR A 308 -13.30 -31.64 -1.89
C THR A 308 -14.10 -30.35 -1.66
N ARG A 309 -13.42 -29.26 -1.29
CA ARG A 309 -14.02 -27.95 -0.93
C ARG A 309 -15.02 -27.48 -2.01
N TYR A 310 -14.73 -27.72 -3.29
CA TYR A 310 -15.50 -27.18 -4.43
C TYR A 310 -16.18 -28.31 -5.22
N ALA A 311 -16.25 -29.52 -4.65
CA ALA A 311 -16.81 -30.73 -5.29
C ALA A 311 -18.35 -30.70 -5.19
N GLN B 3 17.09 31.75 -19.87
CA GLN B 3 15.96 31.10 -20.60
C GLN B 3 14.78 30.86 -19.64
N ASP B 4 13.57 30.77 -20.18
CA ASP B 4 12.29 30.75 -19.43
C ASP B 4 11.74 29.31 -19.34
N TYR B 5 12.60 28.35 -19.00
CA TYR B 5 12.26 26.91 -18.87
C TYR B 5 11.29 26.69 -17.69
N ARG B 6 11.33 27.57 -16.68
CA ARG B 6 10.40 27.53 -15.52
C ARG B 6 8.95 27.71 -16.00
N ALA B 7 8.73 28.46 -17.09
CA ALA B 7 7.40 28.81 -17.63
C ALA B 7 6.75 27.61 -18.35
N ARG B 8 7.48 26.50 -18.52
CA ARG B 8 6.98 25.25 -19.15
C ARG B 8 6.36 24.31 -18.11
N LEU B 9 6.40 24.67 -16.83
CA LEU B 9 5.74 23.91 -15.73
C LEU B 9 4.29 24.36 -15.62
N VAL B 10 3.43 23.86 -16.51
CA VAL B 10 2.00 24.30 -16.64
C VAL B 10 1.08 23.09 -16.44
N TYR B 11 -0.14 23.35 -15.99
CA TYR B 11 -1.19 22.35 -15.71
C TYR B 11 -2.49 22.81 -16.36
N PRO B 12 -3.33 21.90 -16.89
CA PRO B 12 -4.64 22.27 -17.42
C PRO B 12 -5.69 22.36 -16.30
N PHE B 13 -5.31 22.94 -15.17
CA PHE B 13 -6.19 23.16 -14.00
C PHE B 13 -5.49 24.18 -13.09
N SER B 14 -6.24 24.79 -12.18
CA SER B 14 -5.75 25.85 -11.25
C SER B 14 -5.95 25.39 -9.81
N GLY B 15 -5.23 26.03 -8.90
CA GLY B 15 -5.32 25.75 -7.45
C GLY B 15 -6.18 26.78 -6.75
N ALA B 16 -5.99 26.90 -5.44
CA ALA B 16 -6.69 27.84 -4.55
C ALA B 16 -5.85 27.99 -3.29
N ILE B 17 -6.14 28.99 -2.48
CA ILE B 17 -5.43 29.23 -1.20
C ILE B 17 -6.48 29.43 -0.11
N SER B 18 -6.25 28.87 1.08
CA SER B 18 -7.11 29.06 2.27
C SER B 18 -7.16 30.54 2.62
N PRO B 19 -8.35 31.08 2.98
CA PRO B 19 -8.44 32.46 3.44
C PRO B 19 -7.64 32.72 4.73
N HIS B 20 -7.22 31.66 5.43
CA HIS B 20 -6.49 31.70 6.73
C HIS B 20 -4.97 31.73 6.55
N ALA B 21 -4.48 31.89 5.31
CA ALA B 21 -3.06 31.71 4.93
C ALA B 21 -2.10 32.43 5.90
N ASP B 22 -2.29 33.74 6.11
CA ASP B 22 -1.25 34.58 6.79
C ASP B 22 -1.21 34.28 8.28
N ILE B 23 -2.36 34.18 8.96
CA ILE B 23 -2.40 33.90 10.43
C ILE B 23 -1.79 32.51 10.67
N VAL B 24 -2.02 31.54 9.76
CA VAL B 24 -1.43 30.17 9.86
C VAL B 24 0.09 30.26 9.66
N ASP B 25 0.54 30.99 8.64
CA ASP B 25 1.98 31.20 8.34
C ASP B 25 2.67 31.82 9.56
N GLN B 26 2.06 32.86 10.16
CA GLN B 26 2.61 33.58 11.34
C GLN B 26 2.67 32.62 12.54
N ALA B 27 1.67 31.76 12.71
CA ALA B 27 1.57 30.77 13.81
C ALA B 27 2.58 29.63 13.62
N THR B 28 2.84 29.22 12.37
CA THR B 28 3.86 28.19 12.03
C THR B 28 5.24 28.71 12.42
N LEU B 29 5.56 29.95 12.03
CA LEU B 29 6.85 30.62 12.34
C LEU B 29 7.03 30.66 13.87
N ALA B 30 5.98 31.04 14.60
CA ALA B 30 5.92 31.10 16.09
C ALA B 30 6.13 29.70 16.67
N TRP B 31 5.45 28.69 16.13
CA TRP B 31 5.54 27.27 16.58
C TRP B 31 6.97 26.75 16.42
N ALA B 32 7.57 27.00 15.25
CA ALA B 32 8.96 26.60 14.90
C ALA B 32 9.95 27.20 15.91
N ALA B 33 9.79 28.47 16.26
CA ALA B 33 10.63 29.19 17.25
C ALA B 33 10.48 28.53 18.63
N MET B 34 9.25 28.21 19.02
CA MET B 34 8.89 27.62 20.34
C MET B 34 9.60 26.28 20.55
N PHE B 35 9.79 25.50 19.48
CA PHE B 35 10.42 24.15 19.52
C PHE B 35 11.91 24.23 19.14
N GLY B 36 12.39 25.42 18.78
CA GLY B 36 13.82 25.69 18.49
C GLY B 36 14.30 25.00 17.22
N LEU B 37 13.46 25.00 16.18
CA LEU B 37 13.78 24.45 14.83
C LEU B 37 14.36 25.55 13.94
N LEU B 38 14.25 26.81 14.38
CA LEU B 38 14.50 28.02 13.56
C LEU B 38 16.00 28.37 13.62
N LYS B 45 15.02 37.28 8.22
CA LYS B 45 14.97 36.30 7.10
C LYS B 45 13.91 35.22 7.38
N SER B 46 13.62 34.92 8.66
CA SER B 46 12.65 33.90 9.10
C SER B 46 11.28 34.13 8.44
N ARG B 47 10.87 35.40 8.28
CA ARG B 47 9.56 35.79 7.71
C ARG B 47 9.49 35.44 6.22
N ARG B 48 10.65 35.21 5.58
CA ARG B 48 10.73 34.92 4.11
C ARG B 48 10.43 33.43 3.84
N LEU B 49 10.46 32.56 4.86
CA LEU B 49 10.30 31.08 4.71
C LEU B 49 8.91 30.75 4.16
N GLN B 50 7.85 31.30 4.76
CA GLN B 50 6.44 31.26 4.25
C GLN B 50 5.98 29.81 4.07
N TYR B 51 6.34 28.90 4.98
CA TYR B 51 5.93 27.47 4.92
C TYR B 51 4.40 27.36 5.07
N GLY B 52 3.79 28.27 5.82
CA GLY B 52 2.33 28.31 6.03
C GLY B 52 1.59 28.62 4.73
N LEU B 53 2.21 29.36 3.82
CA LEU B 53 1.60 29.77 2.52
C LEU B 53 1.67 28.61 1.51
N LEU B 54 2.55 27.60 1.74
CA LEU B 54 2.51 26.33 0.97
C LEU B 54 1.31 25.51 1.46
N ALA B 55 1.19 25.31 2.78
CA ALA B 55 0.10 24.54 3.43
C ALA B 55 -1.27 25.14 3.04
N ALA B 56 -1.40 26.46 3.06
CA ALA B 56 -2.66 27.19 2.71
C ALA B 56 -3.08 26.87 1.27
N ARG B 57 -2.12 26.65 0.37
CA ARG B 57 -2.39 26.32 -1.06
C ARG B 57 -2.67 24.82 -1.22
N ALA B 58 -1.98 23.97 -0.46
CA ALA B 58 -2.09 22.48 -0.54
C ALA B 58 -3.44 22.01 -0.01
N TYR B 59 -3.95 22.65 1.05
CA TYR B 59 -5.21 22.26 1.74
C TYR B 59 -6.12 23.49 1.84
N PRO B 60 -6.60 24.02 0.71
CA PRO B 60 -7.27 25.34 0.72
C PRO B 60 -8.64 25.36 1.40
N ARG B 61 -9.30 24.21 1.56
CA ARG B 61 -10.66 24.11 2.14
C ARG B 61 -10.59 23.58 3.58
N ALA B 62 -9.40 23.44 4.16
CA ALA B 62 -9.20 22.90 5.52
C ALA B 62 -9.69 23.91 6.56
N ASP B 63 -10.30 23.42 7.65
CA ASP B 63 -10.57 24.24 8.87
C ASP B 63 -9.21 24.69 9.43
N ARG B 64 -9.17 25.83 10.11
CA ARG B 64 -7.90 26.49 10.53
C ARG B 64 -7.07 25.57 11.42
N GLU B 65 -7.70 24.87 12.37
CA GLU B 65 -6.98 23.94 13.29
C GLU B 65 -6.25 22.88 12.48
N MET B 66 -6.93 22.25 11.51
CA MET B 66 -6.34 21.16 10.69
C MET B 66 -5.25 21.75 9.78
N LEU B 67 -5.49 22.91 9.19
CA LEU B 67 -4.51 23.60 8.32
C LEU B 67 -3.24 23.91 9.12
N GLN B 68 -3.37 24.28 10.41
CA GLN B 68 -2.22 24.63 11.28
C GLN B 68 -1.35 23.39 11.50
N ILE B 69 -1.95 22.22 11.70
CA ILE B 69 -1.21 20.92 11.84
C ILE B 69 -0.43 20.66 10.55
N ALA B 70 -1.10 20.75 9.41
CA ALA B 70 -0.52 20.52 8.06
C ALA B 70 0.66 21.48 7.83
N ALA B 71 0.50 22.75 8.24
CA ALA B 71 1.51 23.82 8.07
C ALA B 71 2.74 23.53 8.94
N ASP B 72 2.52 23.14 10.19
CA ASP B 72 3.60 22.80 11.16
C ASP B 72 4.33 21.53 10.69
N TRP B 73 3.60 20.57 10.10
CA TRP B 73 4.16 19.33 9.51
C TRP B 73 5.04 19.65 8.30
N ILE B 74 4.58 20.53 7.42
CA ILE B 74 5.34 20.96 6.20
C ILE B 74 6.61 21.67 6.65
N ALA B 75 6.52 22.57 7.63
CA ALA B 75 7.67 23.27 8.24
C ALA B 75 8.66 22.23 8.78
N TRP B 76 8.17 21.25 9.54
CA TRP B 76 8.98 20.15 10.12
C TRP B 76 9.78 19.45 9.02
N LEU B 77 9.11 19.08 7.92
CA LEU B 77 9.74 18.38 6.78
C LEU B 77 10.88 19.23 6.19
N PHE B 78 10.67 20.54 6.04
CA PHE B 78 11.69 21.48 5.47
C PHE B 78 12.91 21.52 6.40
N PHE B 79 12.69 21.64 7.71
CA PHE B 79 13.77 21.66 8.74
C PHE B 79 14.57 20.36 8.69
N MET B 80 13.86 19.22 8.65
CA MET B 80 14.48 17.87 8.53
C MET B 80 15.31 17.81 7.24
N ASP B 81 14.71 18.23 6.12
CA ASP B 81 15.30 18.09 4.77
C ASP B 81 16.62 18.86 4.67
N ASP B 82 16.68 20.06 5.27
CA ASP B 82 17.89 20.93 5.21
C ASP B 82 19.01 20.32 6.07
N GLN B 83 18.67 19.55 7.11
CA GLN B 83 19.66 18.73 7.88
C GLN B 83 20.18 17.61 6.98
N CYS B 84 19.29 16.90 6.29
CA CYS B 84 19.61 15.76 5.38
C CYS B 84 20.51 16.25 4.21
N ASP B 85 20.17 17.39 3.62
CA ASP B 85 20.66 17.78 2.27
C ASP B 85 21.78 18.82 2.33
N GLU B 86 21.93 19.55 3.45
CA GLU B 86 22.89 20.69 3.56
C GLU B 86 23.74 20.58 4.84
N THR B 87 23.74 19.43 5.51
CA THR B 87 24.40 19.20 6.83
C THR B 87 25.10 17.84 6.82
N GLY B 88 26.08 17.65 7.72
CA GLY B 88 26.95 16.47 7.80
C GLY B 88 26.18 15.17 8.02
N ILE B 89 25.08 15.21 8.78
CA ILE B 89 24.29 13.99 9.16
C ILE B 89 23.83 13.25 7.90
N GLY B 90 23.52 13.97 6.82
CA GLY B 90 23.09 13.40 5.53
C GLY B 90 24.21 12.68 4.79
N ARG B 91 25.44 12.68 5.33
CA ARG B 91 26.62 11.94 4.80
C ARG B 91 27.10 10.91 5.84
N ASP B 92 26.30 10.64 6.88
CA ASP B 92 26.65 9.77 8.03
C ASP B 92 25.46 8.85 8.34
N LEU B 93 25.51 7.60 7.86
CA LEU B 93 24.38 6.61 7.94
C LEU B 93 24.10 6.25 9.41
N GLN B 94 25.15 6.05 10.21
CA GLN B 94 25.04 5.61 11.63
C GLN B 94 24.31 6.69 12.45
N ARG B 95 24.59 7.96 12.19
CA ARG B 95 23.96 9.12 12.88
C ARG B 95 22.51 9.27 12.42
N MET B 96 22.23 9.00 11.13
CA MET B 96 20.86 9.04 10.55
C MET B 96 20.00 7.94 11.19
N ILE B 97 20.52 6.71 11.23
CA ILE B 97 19.85 5.51 11.82
C ILE B 97 19.49 5.83 13.28
N ALA B 98 20.44 6.35 14.06
CA ALA B 98 20.29 6.74 15.48
C ALA B 98 19.10 7.70 15.64
N LEU B 99 19.04 8.76 14.82
CA LEU B 99 18.00 9.82 14.85
C LEU B 99 16.64 9.23 14.46
N HIS B 100 16.61 8.39 13.41
CA HIS B 100 15.38 7.75 12.87
C HIS B 100 14.76 6.82 13.92
N GLU B 101 15.60 6.04 14.63
CA GLU B 101 15.14 5.11 15.71
C GLU B 101 14.35 5.92 16.75
N ARG B 102 14.76 7.16 17.02
CA ARG B 102 14.08 8.08 17.99
C ARG B 102 12.75 8.57 17.39
N PHE B 103 12.73 8.90 16.09
CA PHE B 103 11.51 9.32 15.37
C PHE B 103 10.48 8.17 15.36
N LEU B 104 10.95 6.97 15.00
CA LEU B 104 10.09 5.75 14.85
C LEU B 104 9.46 5.39 16.21
N ALA B 105 10.19 5.60 17.31
CA ALA B 105 9.70 5.42 18.70
C ALA B 105 8.58 6.43 18.98
N ILE B 106 8.80 7.70 18.66
CA ILE B 106 7.82 8.81 18.88
C ILE B 106 6.56 8.53 18.06
N LEU B 107 6.70 8.05 16.82
CA LEU B 107 5.56 7.72 15.90
C LEU B 107 4.73 6.58 16.49
N ASP B 108 5.36 5.61 17.17
CA ASP B 108 4.69 4.47 17.84
C ASP B 108 3.98 4.95 19.11
N GLY B 109 4.37 6.12 19.65
CA GLY B 109 3.65 6.82 20.73
C GLY B 109 4.48 7.03 21.99
N ALA B 110 5.80 6.78 21.93
CA ALA B 110 6.75 6.95 23.06
C ALA B 110 6.97 8.45 23.33
N THR B 111 7.05 8.84 24.60
CA THR B 111 7.27 10.25 25.05
C THR B 111 8.72 10.63 24.84
N PRO B 112 9.03 11.86 24.39
CA PRO B 112 10.42 12.34 24.30
C PRO B 112 11.10 12.42 25.67
N GLU B 113 12.43 12.45 25.68
CA GLU B 113 13.28 12.53 26.90
C GLU B 113 14.29 13.67 26.74
N ALA B 114 15.12 13.91 27.76
CA ALA B 114 16.07 15.05 27.86
C ALA B 114 17.10 14.98 26.72
N HIS B 115 17.47 13.78 26.28
CA HIS B 115 18.53 13.53 25.26
C HIS B 115 18.01 13.82 23.85
N ASP B 116 16.70 13.72 23.62
CA ASP B 116 16.08 13.84 22.27
C ASP B 116 16.23 15.27 21.74
N CYS B 117 16.41 15.43 20.42
CA CYS B 117 16.66 16.73 19.73
C CYS B 117 15.33 17.46 19.49
N ALA B 118 15.42 18.70 19.02
CA ALA B 118 14.29 19.63 18.76
C ALA B 118 13.26 18.99 17.82
N LEU B 119 13.73 18.37 16.74
CA LEU B 119 12.88 17.71 15.70
C LEU B 119 12.04 16.60 16.35
N THR B 120 12.63 15.82 17.27
CA THR B 120 11.96 14.70 17.97
C THR B 120 10.81 15.24 18.83
N TYR B 121 11.04 16.32 19.58
CA TYR B 121 10.01 16.99 20.42
C TYR B 121 8.89 17.53 19.53
N ALA B 122 9.26 18.13 18.38
CA ALA B 122 8.32 18.75 17.41
C ALA B 122 7.46 17.65 16.74
N LEU B 123 8.06 16.50 16.41
CA LEU B 123 7.35 15.36 15.79
C LEU B 123 6.33 14.78 16.78
N ALA B 124 6.71 14.68 18.06
CA ALA B 124 5.86 14.18 19.16
C ALA B 124 4.61 15.07 19.30
N ASP B 125 4.78 16.39 19.19
CA ASP B 125 3.67 17.39 19.27
C ASP B 125 2.71 17.19 18.10
N LEU B 126 3.24 16.93 16.90
CA LEU B 126 2.42 16.73 15.67
C LEU B 126 1.63 15.42 15.80
N ARG B 127 2.26 14.35 16.28
CA ARG B 127 1.60 13.03 16.43
C ARG B 127 0.44 13.15 17.43
N ARG B 128 0.68 13.86 18.54
CA ARG B 128 -0.34 14.13 19.59
C ARG B 128 -1.54 14.85 18.94
N ARG B 129 -1.28 15.89 18.17
CA ARG B 129 -2.33 16.75 17.55
C ARG B 129 -3.10 15.95 16.48
N LEU B 130 -2.41 15.10 15.71
CA LEU B 130 -3.03 14.22 14.67
C LEU B 130 -3.87 13.13 15.35
N ALA B 131 -3.44 12.62 16.51
CA ALA B 131 -4.16 11.57 17.28
C ALA B 131 -5.51 12.08 17.77
N LEU B 132 -5.67 13.41 17.89
CA LEU B 132 -6.93 14.06 18.33
C LEU B 132 -7.89 14.27 17.14
N ARG B 133 -7.42 14.12 15.89
CA ARG B 133 -8.22 14.43 14.67
C ARG B 133 -8.43 13.19 13.79
N ALA B 134 -7.67 12.11 14.00
CA ALA B 134 -7.59 10.95 13.07
C ALA B 134 -7.66 9.63 13.84
N PRO B 135 -8.32 8.59 13.29
CA PRO B 135 -8.37 7.28 13.91
C PRO B 135 -7.07 6.47 13.72
N ASP B 136 -6.96 5.32 14.40
CA ASP B 136 -5.75 4.46 14.44
C ASP B 136 -5.36 4.04 13.02
N ASN B 137 -6.35 3.65 12.21
CA ASN B 137 -6.15 3.21 10.79
C ASN B 137 -5.38 4.29 10.03
N TRP B 138 -5.73 5.56 10.25
CA TRP B 138 -5.09 6.72 9.58
C TRP B 138 -3.66 6.91 10.12
N LEU B 139 -3.48 6.93 11.45
CA LEU B 139 -2.16 7.13 12.10
C LEU B 139 -1.18 6.10 11.55
N ARG B 140 -1.62 4.84 11.41
CA ARG B 140 -0.79 3.71 10.90
C ARG B 140 -0.34 4.00 9.46
N ARG B 141 -1.28 4.35 8.57
CA ARG B 141 -0.98 4.61 7.14
C ARG B 141 0.01 5.78 7.04
N PHE B 142 -0.27 6.87 7.77
CA PHE B 142 0.58 8.10 7.83
C PHE B 142 1.98 7.73 8.33
N SER B 143 2.05 7.02 9.46
CA SER B 143 3.33 6.60 10.10
C SER B 143 4.19 5.79 9.13
N GLU B 144 3.56 4.86 8.38
CA GLU B 144 4.25 3.99 7.39
C GLU B 144 4.82 4.85 6.25
N HIS B 145 4.08 5.84 5.77
CA HIS B 145 4.56 6.79 4.72
C HIS B 145 5.75 7.59 5.24
N VAL B 146 5.69 8.02 6.51
CA VAL B 146 6.81 8.79 7.17
C VAL B 146 8.00 7.84 7.33
N ARG B 147 7.75 6.60 7.75
CA ARG B 147 8.79 5.55 7.92
C ARG B 147 9.53 5.34 6.59
N LEU B 148 8.77 5.29 5.49
CA LEU B 148 9.33 5.08 4.12
C LEU B 148 10.13 6.32 3.69
N TYR B 149 9.70 7.51 4.14
CA TYR B 149 10.44 8.79 3.94
C TYR B 149 11.82 8.69 4.60
N PHE B 150 11.86 8.27 5.87
CA PHE B 150 13.12 8.06 6.63
C PHE B 150 14.00 7.05 5.89
N THR B 151 13.42 5.94 5.41
CA THR B 151 14.13 4.86 4.67
C THR B 151 14.76 5.47 3.39
N ALA B 152 14.01 6.29 2.66
CA ALA B 152 14.48 6.98 1.44
C ALA B 152 15.65 7.91 1.78
N ASN B 153 15.58 8.63 2.90
CA ASN B 153 16.64 9.57 3.34
C ASN B 153 17.94 8.80 3.62
N ARG B 154 17.85 7.58 4.17
CA ARG B 154 19.02 6.71 4.44
C ARG B 154 19.61 6.20 3.12
N TRP B 155 18.75 5.87 2.15
CA TRP B 155 19.13 5.49 0.77
C TRP B 155 19.92 6.65 0.14
N GLU B 156 19.45 7.89 0.31
CA GLU B 156 20.15 9.11 -0.14
C GLU B 156 21.53 9.17 0.51
N THR B 157 21.60 8.94 1.83
CA THR B 157 22.86 9.05 2.63
C THR B 157 23.90 8.06 2.10
N VAL B 158 23.51 6.81 1.82
CA VAL B 158 24.43 5.75 1.31
C VAL B 158 24.93 6.18 -0.07
N ASN B 159 24.06 6.76 -0.91
CA ASN B 159 24.43 7.30 -2.25
C ASN B 159 25.54 8.35 -2.08
N ARG B 160 25.39 9.26 -1.12
CA ARG B 160 26.36 10.35 -0.83
C ARG B 160 27.68 9.74 -0.35
N GLN B 161 27.62 8.82 0.62
CA GLN B 161 28.80 8.18 1.26
C GLN B 161 29.61 7.41 0.21
N ARG B 162 28.94 6.66 -0.67
CA ARG B 162 29.58 5.82 -1.71
C ARG B 162 29.80 6.64 -3.00
N GLY B 163 29.33 7.89 -3.03
CA GLY B 163 29.49 8.81 -4.17
C GLY B 163 28.89 8.24 -5.45
N ALA B 164 27.79 7.48 -5.32
CA ALA B 164 27.08 6.80 -6.43
C ALA B 164 25.90 7.65 -6.88
N THR B 165 25.63 7.69 -8.19
CA THR B 165 24.41 8.27 -8.79
C THR B 165 23.53 7.11 -9.27
N PRO B 166 22.26 7.02 -8.80
CA PRO B 166 21.36 5.98 -9.26
C PRO B 166 20.94 6.24 -10.71
N ASN B 167 20.51 5.19 -11.42
CA ASN B 167 19.92 5.30 -12.79
C ASN B 167 18.55 5.97 -12.67
N VAL B 168 17.94 6.31 -13.80
CA VAL B 168 16.63 7.03 -13.87
C VAL B 168 15.55 6.19 -13.17
N ALA B 169 15.50 4.88 -13.47
CA ALA B 169 14.50 3.93 -12.94
C ALA B 169 14.56 3.89 -11.40
N THR B 170 15.77 3.71 -10.85
CA THR B 170 15.99 3.64 -9.37
C THR B 170 15.64 4.99 -8.74
N TYR B 171 16.16 6.11 -9.28
CA TYR B 171 15.93 7.46 -8.71
C TYR B 171 14.43 7.75 -8.63
N CYS B 172 13.70 7.54 -9.72
CA CYS B 172 12.26 7.89 -9.87
C CYS B 172 11.44 7.06 -8.87
N ALA B 173 11.78 5.77 -8.71
CA ALA B 173 11.10 4.83 -7.80
C ALA B 173 11.30 5.26 -6.34
N ALA B 174 12.51 5.70 -5.98
CA ALA B 174 12.90 6.11 -4.61
C ALA B 174 12.37 7.52 -4.31
N ARG B 175 12.39 8.41 -5.31
CA ARG B 175 12.00 9.83 -5.19
C ARG B 175 10.55 9.93 -4.73
N LEU B 176 9.71 8.95 -5.09
CA LEU B 176 8.30 8.87 -4.64
C LEU B 176 8.22 8.84 -3.11
N PHE B 177 9.29 8.47 -2.40
CA PHE B 177 9.31 8.36 -0.93
C PHE B 177 10.19 9.44 -0.29
N SER B 178 11.27 9.87 -0.95
CA SER B 178 12.27 10.84 -0.41
C SER B 178 11.64 12.22 -0.16
N GLY B 179 10.53 12.53 -0.83
CA GLY B 179 9.82 13.81 -0.70
C GLY B 179 8.70 13.79 0.35
N ALA B 180 8.30 12.63 0.86
CA ALA B 180 7.23 12.49 1.88
C ALA B 180 5.89 13.00 1.34
N VAL B 181 5.70 13.00 0.03
CA VAL B 181 4.46 13.53 -0.61
C VAL B 181 3.29 12.64 -0.19
N TYR B 182 3.48 11.32 -0.10
CA TYR B 182 2.40 10.36 0.26
C TYR B 182 1.88 10.66 1.67
N ALA B 183 2.77 11.00 2.61
CA ALA B 183 2.40 11.42 3.98
C ALA B 183 1.56 12.71 3.90
N CYS B 184 1.92 13.64 3.02
CA CYS B 184 1.18 14.91 2.81
C CYS B 184 -0.19 14.62 2.18
N PHE B 185 -0.27 13.67 1.24
CA PHE B 185 -1.54 13.23 0.61
C PHE B 185 -2.48 12.63 1.67
N ASP B 186 -1.93 11.93 2.67
CA ASP B 186 -2.74 11.33 3.77
C ASP B 186 -3.53 12.45 4.48
N LEU B 187 -2.96 13.65 4.61
CA LEU B 187 -3.60 14.80 5.32
C LEU B 187 -4.81 15.32 4.54
N ILE B 188 -4.94 15.00 3.25
CA ILE B 188 -6.09 15.47 2.42
C ILE B 188 -7.39 14.94 3.02
N GLU B 189 -7.42 13.68 3.45
CA GLU B 189 -8.59 13.02 4.07
C GLU B 189 -9.09 13.85 5.25
N LEU B 190 -8.17 14.36 6.08
CA LEU B 190 -8.49 15.15 7.29
C LEU B 190 -8.92 16.58 6.90
N ALA B 191 -8.23 17.18 5.92
CA ALA B 191 -8.55 18.53 5.38
C ALA B 191 -9.99 18.54 4.87
N GLU B 192 -10.37 17.52 4.09
CA GLU B 192 -11.68 17.41 3.40
C GLU B 192 -12.70 16.68 4.28
N GLN B 193 -12.27 16.12 5.41
CA GLN B 193 -13.12 15.34 6.34
C GLN B 193 -13.90 14.28 5.56
N ILE B 194 -13.17 13.42 4.82
CA ILE B 194 -13.77 12.30 4.04
C ILE B 194 -13.29 10.99 4.64
N GLU B 195 -14.11 9.95 4.49
CA GLU B 195 -13.78 8.55 4.89
C GLU B 195 -13.99 7.68 3.65
N LEU B 196 -12.91 7.40 2.94
CA LEU B 196 -12.93 6.47 1.77
C LEU B 196 -12.90 5.04 2.31
N PRO B 197 -13.77 4.14 1.81
CA PRO B 197 -13.69 2.74 2.18
C PRO B 197 -12.41 2.13 1.59
N PHE B 198 -11.89 1.08 2.24
CA PHE B 198 -10.66 0.33 1.88
C PHE B 198 -10.56 0.10 0.36
N TYR B 199 -11.65 -0.35 -0.27
CA TYR B 199 -11.63 -0.82 -1.68
C TYR B 199 -11.39 0.35 -2.64
N ALA B 200 -11.84 1.55 -2.25
CA ALA B 200 -11.66 2.79 -3.03
C ALA B 200 -10.31 3.43 -2.69
N ARG B 201 -9.94 3.44 -1.40
CA ARG B 201 -8.67 4.06 -0.92
C ARG B 201 -7.48 3.43 -1.65
N HIS B 202 -7.52 2.12 -1.88
CA HIS B 202 -6.38 1.32 -2.40
C HIS B 202 -6.61 0.91 -3.86
N HIS B 203 -7.69 1.36 -4.50
CA HIS B 203 -8.03 1.03 -5.91
C HIS B 203 -6.84 1.37 -6.81
N SER B 204 -6.56 0.53 -7.81
CA SER B 204 -5.39 0.69 -8.71
C SER B 204 -5.36 2.08 -9.36
N ILE B 205 -6.51 2.63 -9.77
CA ILE B 205 -6.56 3.96 -10.46
C ILE B 205 -6.23 5.07 -9.45
N VAL B 206 -6.69 4.95 -8.20
CA VAL B 206 -6.37 5.92 -7.12
C VAL B 206 -4.86 5.88 -6.87
N GLN B 207 -4.28 4.67 -6.73
CA GLN B 207 -2.81 4.48 -6.56
C GLN B 207 -2.05 5.15 -7.71
N GLN B 208 -2.55 4.97 -8.94
CA GLN B 208 -1.88 5.49 -10.16
C GLN B 208 -2.01 7.01 -10.22
N LEU B 209 -3.14 7.56 -9.74
CA LEU B 209 -3.34 9.03 -9.64
C LEU B 209 -2.38 9.61 -8.59
N GLU B 210 -2.24 8.96 -7.43
CA GLU B 210 -1.31 9.37 -6.34
C GLU B 210 0.14 9.34 -6.87
N GLN B 211 0.51 8.30 -7.62
CA GLN B 211 1.88 8.13 -8.16
C GLN B 211 2.17 9.25 -9.17
N ALA B 212 1.23 9.52 -10.08
CA ALA B 212 1.36 10.57 -11.12
C ALA B 212 1.51 11.95 -10.44
N ALA B 213 0.65 12.27 -9.47
CA ALA B 213 0.69 13.56 -8.73
C ALA B 213 2.03 13.71 -7.99
N ASN B 214 2.49 12.63 -7.35
CA ASN B 214 3.75 12.59 -6.58
C ASN B 214 4.92 12.85 -7.56
N ASN B 215 4.96 12.13 -8.69
CA ASN B 215 5.99 12.30 -9.74
C ASN B 215 5.99 13.76 -10.24
N ILE B 216 4.82 14.30 -10.54
CA ILE B 216 4.67 15.70 -11.04
C ILE B 216 5.28 16.66 -10.02
N ILE B 217 4.88 16.54 -8.76
CA ILE B 217 5.32 17.44 -7.65
C ILE B 217 6.85 17.33 -7.51
N CYS B 218 7.38 16.11 -7.48
CA CYS B 218 8.82 15.84 -7.30
C CYS B 218 9.64 16.35 -8.50
N TRP B 219 9.19 16.10 -9.72
CA TRP B 219 9.96 16.45 -10.95
C TRP B 219 9.89 17.97 -11.18
N CYS B 220 8.76 18.60 -10.83
CA CYS B 220 8.64 20.07 -10.80
C CYS B 220 9.67 20.64 -9.81
N ASN B 221 9.74 20.08 -8.60
CA ASN B 221 10.72 20.48 -7.56
C ASN B 221 12.14 20.34 -8.12
N ASP B 222 12.44 19.20 -8.76
CA ASP B 222 13.79 18.86 -9.29
C ASP B 222 14.23 19.97 -10.27
N VAL B 223 13.36 20.37 -11.19
CA VAL B 223 13.66 21.43 -12.21
C VAL B 223 13.93 22.75 -11.49
N LEU B 224 13.22 23.06 -10.40
CA LEU B 224 13.35 24.36 -9.67
C LEU B 224 14.51 24.32 -8.67
N SER B 225 14.97 23.14 -8.23
CA SER B 225 15.90 22.99 -7.07
C SER B 225 17.28 22.46 -7.48
N TYR B 226 17.54 22.16 -8.76
CA TYR B 226 18.84 21.59 -9.21
C TYR B 226 19.99 22.56 -8.93
N PRO B 227 19.82 23.90 -9.07
CA PRO B 227 20.94 24.82 -8.81
C PRO B 227 21.45 24.73 -7.38
N LYS B 228 20.56 24.85 -6.37
CA LYS B 228 20.94 24.85 -4.94
C LYS B 228 21.48 23.45 -4.55
N GLU B 229 20.97 22.38 -5.17
CA GLU B 229 21.42 20.99 -4.89
C GLU B 229 22.81 20.76 -5.51
N MET B 230 23.06 21.26 -6.71
CA MET B 230 24.42 21.25 -7.35
C MET B 230 25.42 21.98 -6.45
N GLN B 231 25.03 23.12 -5.88
CA GLN B 231 25.88 23.98 -5.01
C GLN B 231 26.30 23.21 -3.74
N HIS B 232 25.52 22.21 -3.32
CA HIS B 232 25.80 21.35 -2.14
C HIS B 232 26.39 20.00 -2.58
N GLY B 233 26.67 19.84 -3.87
CA GLY B 233 27.28 18.61 -4.45
C GLY B 233 26.33 17.43 -4.42
N ASP B 234 25.02 17.68 -4.36
CA ASP B 234 23.97 16.63 -4.23
C ASP B 234 23.59 16.14 -5.63
N ARG B 235 23.10 14.90 -5.75
CA ARG B 235 22.77 14.25 -7.05
C ARG B 235 21.39 13.60 -7.00
N HIS B 236 20.53 14.01 -6.06
CA HIS B 236 19.14 13.48 -5.89
C HIS B 236 18.19 14.46 -6.57
N ASN B 237 18.23 14.44 -7.90
CA ASN B 237 17.54 15.41 -8.80
C ASN B 237 17.42 14.77 -10.19
N LEU B 238 16.19 14.67 -10.72
CA LEU B 238 15.91 14.03 -12.03
C LEU B 238 16.84 14.64 -13.10
N VAL B 239 17.04 15.96 -13.09
CA VAL B 239 17.85 16.69 -14.10
C VAL B 239 19.27 16.11 -14.10
N LEU B 240 19.86 15.94 -12.91
CA LEU B 240 21.26 15.49 -12.75
C LEU B 240 21.37 13.99 -13.06
N VAL B 241 20.38 13.19 -12.66
CA VAL B 241 20.33 11.71 -12.91
C VAL B 241 20.20 11.47 -14.43
N ILE B 242 19.37 12.26 -15.12
CA ILE B 242 19.22 12.20 -16.61
C ILE B 242 20.57 12.57 -17.26
N GLN B 243 21.22 13.62 -16.76
CA GLN B 243 22.53 14.11 -17.29
C GLN B 243 23.57 12.99 -17.22
N GLY B 244 23.67 12.31 -16.08
CA GLY B 244 24.61 11.20 -15.84
C GLY B 244 24.30 9.99 -16.70
N GLU B 245 23.03 9.61 -16.80
CA GLU B 245 22.58 8.39 -17.53
C GLU B 245 22.78 8.58 -19.04
N HIS B 246 22.40 9.73 -19.58
CA HIS B 246 22.42 10.02 -21.04
C HIS B 246 23.72 10.71 -21.44
N GLN B 247 24.56 11.11 -20.48
CA GLN B 247 25.84 11.83 -20.73
C GLN B 247 25.57 13.00 -21.68
N CYS B 248 24.52 13.77 -21.41
CA CYS B 248 24.08 14.92 -22.25
C CYS B 248 24.43 16.23 -21.56
N SER B 249 24.13 17.36 -22.21
CA SER B 249 24.31 18.72 -21.65
C SER B 249 23.24 19.01 -20.59
N LEU B 250 23.49 19.98 -19.72
CA LEU B 250 22.56 20.41 -18.64
C LEU B 250 21.25 20.90 -19.27
N PRO B 251 21.28 21.77 -20.32
CA PRO B 251 20.06 22.16 -21.02
C PRO B 251 19.24 20.97 -21.55
N GLU B 252 19.91 19.97 -22.14
CA GLU B 252 19.23 18.78 -22.72
C GLU B 252 18.54 18.01 -21.59
N ALA B 253 19.21 17.88 -20.45
CA ALA B 253 18.72 17.17 -19.24
C ALA B 253 17.48 17.87 -18.70
N ILE B 254 17.48 19.21 -18.67
CA ILE B 254 16.32 20.04 -18.21
C ILE B 254 15.15 19.85 -19.18
N ASP B 255 15.40 19.86 -20.49
CA ASP B 255 14.37 19.61 -21.54
C ASP B 255 13.79 18.20 -21.37
N ARG B 256 14.64 17.21 -21.14
CA ARG B 256 14.22 15.80 -20.90
C ARG B 256 13.32 15.75 -19.66
N ALA B 257 13.73 16.40 -18.56
CA ALA B 257 12.96 16.44 -17.28
C ALA B 257 11.58 17.05 -17.54
N LEU B 258 11.53 18.14 -18.29
CA LEU B 258 10.28 18.90 -18.56
C LEU B 258 9.35 18.09 -19.47
N ASP B 259 9.89 17.30 -20.42
CA ASP B 259 9.11 16.37 -21.27
C ASP B 259 8.47 15.29 -20.39
N LEU B 260 9.22 14.73 -19.43
CA LEU B 260 8.69 13.70 -18.49
C LEU B 260 7.60 14.31 -17.60
N HIS B 261 7.81 15.55 -17.13
CA HIS B 261 6.81 16.30 -16.30
C HIS B 261 5.53 16.48 -17.11
N ALA B 262 5.62 16.99 -18.35
CA ALA B 262 4.47 17.24 -19.24
C ALA B 262 3.71 15.94 -19.50
N ARG B 263 4.43 14.85 -19.77
CA ARG B 263 3.85 13.51 -20.04
C ARG B 263 3.06 13.04 -18.80
N GLU B 264 3.63 13.23 -17.61
CA GLU B 264 3.04 12.78 -16.32
C GLU B 264 1.75 13.58 -16.05
N VAL B 265 1.74 14.87 -16.38
CA VAL B 265 0.53 15.73 -16.27
C VAL B 265 -0.57 15.15 -17.17
N ALA B 266 -0.24 14.78 -18.42
CA ALA B 266 -1.19 14.17 -19.38
C ALA B 266 -1.74 12.85 -18.81
N THR B 267 -0.88 12.06 -18.17
CA THR B 267 -1.25 10.77 -17.54
C THR B 267 -2.23 11.01 -16.39
N PHE B 268 -1.92 11.97 -15.50
CA PHE B 268 -2.78 12.30 -14.33
C PHE B 268 -4.19 12.65 -14.81
N VAL B 269 -4.32 13.60 -15.74
CA VAL B 269 -5.67 14.08 -16.20
C VAL B 269 -6.39 12.96 -16.95
N ARG B 270 -5.68 12.10 -17.70
CA ARG B 270 -6.28 10.94 -18.40
CA ARG B 270 -6.26 10.93 -18.40
C ARG B 270 -6.83 9.95 -17.36
N LYS B 271 -6.05 9.61 -16.35
CA LYS B 271 -6.44 8.58 -15.34
C LYS B 271 -7.59 9.10 -14.47
N ARG B 272 -7.77 10.41 -14.33
CA ARG B 272 -8.97 11.00 -13.67
C ARG B 272 -10.24 10.50 -14.36
N THR B 273 -10.23 10.38 -15.70
CA THR B 273 -11.41 10.02 -16.52
C THR B 273 -11.64 8.51 -16.49
N CYS B 274 -10.76 7.74 -15.82
CA CYS B 274 -10.82 6.26 -15.73
C CYS B 274 -11.22 5.79 -14.32
N VAL B 275 -11.61 6.70 -13.44
CA VAL B 275 -12.09 6.34 -12.07
C VAL B 275 -13.42 5.62 -12.23
N PRO B 276 -13.57 4.37 -11.73
CA PRO B 276 -14.83 3.64 -11.85
C PRO B 276 -15.94 4.30 -11.00
N TYR B 277 -17.20 4.03 -11.33
CA TYR B 277 -18.36 4.38 -10.48
C TYR B 277 -18.59 3.26 -9.46
N PHE B 278 -18.32 3.55 -8.19
CA PHE B 278 -18.56 2.65 -7.03
C PHE B 278 -20.00 2.85 -6.52
N ASP B 279 -20.27 4.00 -5.91
CA ASP B 279 -21.64 4.48 -5.55
C ASP B 279 -21.58 5.99 -5.31
N ALA B 280 -22.74 6.64 -5.23
CA ALA B 280 -22.88 8.12 -5.16
C ALA B 280 -21.99 8.70 -4.04
N ALA B 281 -22.08 8.16 -2.83
CA ALA B 281 -21.36 8.67 -1.64
C ALA B 281 -19.84 8.47 -1.81
N VAL B 282 -19.42 7.27 -2.21
CA VAL B 282 -17.97 6.94 -2.36
C VAL B 282 -17.36 7.84 -3.44
N ASN B 283 -18.06 8.02 -4.57
CA ASN B 283 -17.51 8.80 -5.71
C ASN B 283 -17.49 10.29 -5.34
N THR B 284 -18.43 10.78 -4.53
CA THR B 284 -18.42 12.18 -3.98
C THR B 284 -17.12 12.40 -3.19
N ALA B 285 -16.82 11.50 -2.26
CA ALA B 285 -15.60 11.53 -1.41
C ALA B 285 -14.34 11.42 -2.28
N LEU B 286 -14.35 10.52 -3.27
CA LEU B 286 -13.18 10.27 -4.17
C LEU B 286 -12.86 11.55 -4.95
N GLU B 287 -13.86 12.25 -5.49
CA GLU B 287 -13.61 13.46 -6.30
CA GLU B 287 -13.68 13.50 -6.27
C GLU B 287 -12.99 14.54 -5.39
N LYS B 288 -13.40 14.61 -4.12
CA LYS B 288 -12.79 15.53 -3.13
C LYS B 288 -11.31 15.16 -2.95
N TYR B 289 -10.99 13.87 -2.84
CA TYR B 289 -9.59 13.41 -2.65
C TYR B 289 -8.75 13.76 -3.88
N VAL B 290 -9.25 13.43 -5.07
CA VAL B 290 -8.50 13.61 -6.35
C VAL B 290 -8.34 15.11 -6.63
N THR B 291 -9.37 15.92 -6.37
CA THR B 291 -9.30 17.40 -6.41
C THR B 291 -8.18 17.85 -5.45
N GLY B 292 -8.07 17.22 -4.28
CA GLY B 292 -7.01 17.46 -3.29
C GLY B 292 -5.63 17.24 -3.89
N LEU B 293 -5.45 16.16 -4.66
CA LEU B 293 -4.19 15.86 -5.38
C LEU B 293 -3.87 17.02 -6.33
N GLN B 294 -4.86 17.52 -7.06
CA GLN B 294 -4.72 18.67 -8.00
C GLN B 294 -4.34 19.95 -7.24
N PHE B 295 -4.96 20.21 -6.08
CA PHE B 295 -4.59 21.37 -5.21
C PHE B 295 -3.13 21.26 -4.82
N TRP B 296 -2.64 20.05 -4.51
CA TRP B 296 -1.22 19.80 -4.12
C TRP B 296 -0.28 20.07 -5.31
N ILE B 297 -0.64 19.61 -6.50
CA ILE B 297 0.18 19.82 -7.73
C ILE B 297 0.36 21.34 -7.93
N CYS B 298 -0.74 22.10 -7.87
CA CYS B 298 -0.73 23.57 -8.07
C CYS B 298 0.02 24.26 -6.92
N ALA B 299 -0.23 23.84 -5.67
CA ALA B 299 0.41 24.40 -4.46
C ALA B 299 1.94 24.37 -4.62
N ASN B 300 2.48 23.20 -4.96
CA ASN B 300 3.94 22.95 -5.10
C ASN B 300 4.57 23.96 -6.06
N ARG B 301 4.00 24.07 -7.26
CA ARG B 301 4.48 24.93 -8.38
C ARG B 301 4.29 26.41 -7.98
N ASP B 302 3.07 26.79 -7.59
CA ASP B 302 2.68 28.19 -7.31
C ASP B 302 3.56 28.75 -6.18
N TRP B 303 3.77 27.98 -5.12
CA TRP B 303 4.59 28.40 -3.95
C TRP B 303 6.06 28.44 -4.36
N SER B 304 6.56 27.39 -5.02
CA SER B 304 8.00 27.20 -5.33
C SER B 304 8.51 28.30 -6.26
N LEU B 305 7.67 28.80 -7.18
CA LEU B 305 8.09 29.79 -8.20
C LEU B 305 8.43 31.15 -7.54
N THR B 306 7.85 31.45 -6.38
CA THR B 306 8.03 32.75 -5.68
C THR B 306 8.83 32.57 -4.38
N ALA B 307 9.11 31.33 -3.96
CA ALA B 307 9.81 31.02 -2.69
C ALA B 307 11.28 31.43 -2.80
N THR B 308 11.80 32.07 -1.73
CA THR B 308 13.22 32.47 -1.61
C THR B 308 14.10 31.20 -1.60
N ARG B 309 13.54 30.08 -1.14
CA ARG B 309 14.21 28.75 -1.04
C ARG B 309 14.87 28.37 -2.38
N TYR B 310 14.22 28.68 -3.51
CA TYR B 310 14.69 28.30 -4.88
C TYR B 310 15.12 29.53 -5.68
N ALA B 311 15.31 30.68 -5.02
CA ALA B 311 15.75 31.96 -5.64
C ALA B 311 17.17 31.78 -6.19
MG MG C . -15.88 -18.72 1.36
MG MG D . -15.20 -18.41 -3.35
MG MG E . -14.94 -15.62 1.91
P1 POP F . -13.78 -17.18 -0.66
O1 POP F . -12.64 -16.21 -0.54
O2 POP F . -14.53 -17.04 -1.96
O3 POP F . -14.70 -17.14 0.53
O POP F . -13.14 -18.68 -0.69
P2 POP F . -13.89 -20.10 -0.90
O4 POP F . -12.84 -21.19 -0.77
O5 POP F . -14.52 -20.06 -2.26
O6 POP F . -14.91 -20.16 0.21
C4 A1IW0 G . -6.35 -18.81 0.46
C6 A1IW0 G . -5.01 -18.07 0.58
C7 A1IW0 G . -6.87 -19.54 1.70
C8 A1IW0 G . -8.37 -19.30 1.83
C10 A1IW0 G . -10.06 -17.65 2.73
C13 A1IW0 G . -7.97 -16.42 0.21
C15 A1IW0 G . -8.97 -17.24 -2.05
C12 A1IW0 G . -10.36 -16.19 2.32
C11 A1IW0 G . -11.01 -18.60 1.98
C9 A1IW0 G . -8.60 -18.07 2.67
C3 A1IW0 G . -7.09 -18.85 -0.88
C2 A1IW0 G . -6.55 -18.07 -2.06
C1 A1IW0 G . -7.61 -17.21 -2.70
C16 A1IW0 G . -10.21 -17.61 -2.80
C14 A1IW0 G . -9.14 -16.88 -0.59
O6 BU3 H . -11.91 -0.94 12.56
C3 BU3 H . -12.29 -0.79 13.89
C4 BU3 H . -11.04 -0.90 14.76
C2 BU3 H . -13.42 -1.83 14.26
O5 BU3 H . -13.88 -1.61 15.57
C1 BU3 H . -12.95 -3.27 14.15
O6 BU3 I . -2.29 -2.45 -2.97
C3 BU3 I . -1.02 -3.04 -3.16
C4 BU3 I . -0.87 -3.59 -4.58
C2 BU3 I . -0.81 -4.15 -2.03
O5 BU3 I . -0.91 -3.55 -0.75
C1 BU3 I . 0.51 -4.89 -2.15
O6 BU3 J . -30.27 -12.58 -5.05
C3 BU3 J . -29.25 -13.15 -4.26
C4 BU3 J . -28.05 -13.47 -5.15
C2 BU3 J . -29.80 -14.40 -3.46
O5 BU3 J . -28.77 -15.03 -2.75
C1 BU3 J . -30.50 -15.44 -4.33
O6 BU3 K . 2.02 3.04 -3.16
C3 BU3 K . 0.83 3.76 -2.91
C4 BU3 K . 0.41 4.52 -4.15
C2 BU3 K . 1.04 4.69 -1.64
O5 BU3 K . 1.44 3.93 -0.51
C1 BU3 K . -0.21 5.50 -1.30
C1 EDO L . 16.51 -19.07 9.10
O1 EDO L . 15.89 -20.30 9.40
C2 EDO L . 15.94 -17.93 9.85
O2 EDO L . 16.12 -16.69 9.19
C1 EDO M . -26.78 -3.73 -18.87
O1 EDO M . -27.21 -4.24 -20.13
C2 EDO M . -25.33 -3.94 -18.64
O2 EDO M . -24.83 -3.20 -17.54
C1 EDO N . 0.39 0.93 -9.34
O1 EDO N . 0.46 1.52 -10.63
C2 EDO N . -0.97 0.95 -8.75
O2 EDO N . -1.87 -0.05 -9.22
MG MG O . 16.20 19.39 -0.16
MG MG P . 14.76 19.43 -4.44
MG MG Q . 15.65 16.00 0.11
P1 POP R . 13.93 17.88 -1.86
O1 POP R . 12.82 16.87 -1.63
O2 POP R . 14.43 17.86 -3.29
O3 POP R . 15.06 17.72 -0.86
O POP R . 13.31 19.35 -1.59
P2 POP R . 13.96 20.81 -1.83
O4 POP R . 12.93 21.83 -1.37
O5 POP R . 14.24 20.90 -3.30
O6 POP R . 15.21 20.84 -0.99
C4 A1IW0 S . 7.18 19.19 1.27
C6 A1IW0 S . 5.92 18.42 1.64
C7 A1IW0 S . 8.17 19.48 2.39
C8 A1IW0 S . 9.57 19.68 1.84
C10 A1IW0 S . 10.58 17.42 2.13
C13 A1IW0 S . 8.38 16.92 -0.03
C15 A1IW0 S . 8.68 18.25 -2.32
C12 A1IW0 S . 11.50 17.28 0.92
C11 A1IW0 S . 11.08 16.45 3.20
C9 A1IW0 S . 10.58 18.85 2.62
C3 A1IW0 S . 7.44 19.49 -0.20
C2 A1IW0 S . 6.50 18.93 -1.20
C1 A1IW0 S . 7.20 18.70 -2.51
C16 A1IW0 S . 9.71 18.63 -3.34
C14 A1IW0 S . 9.22 17.45 -1.16
O6 BU3 T . 16.53 2.21 10.86
C3 BU3 T . 16.82 1.00 11.53
C4 BU3 T . 17.65 0.09 10.64
C2 BU3 T . 15.47 0.30 12.00
O5 BU3 T . 14.64 0.06 10.88
C1 BU3 T . 14.72 1.13 13.02
C1 EDO U . -9.05 15.75 -15.63
O1 EDO U . -9.44 15.39 -16.96
C2 EDO U . -8.59 17.16 -15.51
O2 EDO U . -8.29 17.54 -14.17
C1 EDO V . 16.76 24.30 -21.36
O1 EDO V . 16.93 24.15 -22.75
C2 EDO V . 17.43 25.50 -20.81
O2 EDO V . 18.09 25.28 -19.58
#